data_5J92
#
_entry.id   5J92
#
_cell.length_a   84.700
_cell.length_b   77.880
_cell.length_c   92.140
_cell.angle_alpha   90.000
_cell.angle_beta   92.110
_cell.angle_gamma   90.000
#
_symmetry.space_group_name_H-M   'P 1 21 1'
#
loop_
_entity.id
_entity.type
_entity.pdbx_description
1 polymer 'Putative alpha KG dependent 2,4-D dioxygenase'
2 non-polymer 'FE (II) ION'
3 non-polymer 'ACETATE ION'
4 water water
#
_entity_poly.entity_id   1
_entity_poly.type   'polypeptide(L)'
_entity_poly.pdbx_seq_one_letter_code
;MAHHHHHHMSLNVEAAHPFIAARIHGLDLSKPLSDERIVEIEQASGQYPVLIFPRQYIDDDQLLAFAAGFGPLQVAVSYS
TRPEDHRLAPMINDISNLSKENQTYRPGDRRRMNNLTSRRWHSDASYLPLPARYSFLLSYIVPAVGGQTQFADMRAAYDK
LPDHLRKVVEGLSCHYDIMASRAAAGFYDASDEERKALAPCIHELVRTHPISGRKSLYLSSHATHVVGWPEPEGRDLLRE
LTEFATQPQFVYSHEWSVRDLVMWDNRALMHRGRPHIPETDVREMHRATTLDDRTWTRGSNQPVAASVA
;
_entity_poly.pdbx_strand_id   A,B,C,D
#
loop_
_chem_comp.id
_chem_comp.type
_chem_comp.name
_chem_comp.formula
ACT non-polymer 'ACETATE ION' 'C2 H3 O2 -1'
FE2 non-polymer 'FE (II) ION' 'Fe 2'
#
# COMPACT_ATOMS: atom_id res chain seq x y z
N MET A 9 4.08 -9.44 -22.21
CA MET A 9 3.91 -8.06 -21.76
C MET A 9 5.21 -7.28 -21.89
N SER A 10 5.30 -6.41 -22.89
CA SER A 10 6.45 -5.53 -23.08
C SER A 10 6.26 -4.17 -22.43
N LEU A 11 5.08 -3.87 -21.91
CA LEU A 11 4.84 -2.61 -21.23
C LEU A 11 5.70 -2.49 -19.99
N ASN A 12 6.17 -1.28 -19.72
CA ASN A 12 6.99 -1.00 -18.54
C ASN A 12 6.04 -0.75 -17.37
N VAL A 13 5.65 -1.83 -16.69
CA VAL A 13 4.63 -1.78 -15.64
C VAL A 13 5.32 -1.77 -14.29
N GLU A 14 4.96 -0.81 -13.43
CA GLU A 14 5.51 -0.68 -12.09
C GLU A 14 4.35 -0.62 -11.10
N ALA A 15 4.24 -1.62 -10.24
CA ALA A 15 3.12 -1.69 -9.29
C ALA A 15 3.14 -0.49 -8.36
N ALA A 16 1.99 0.17 -8.19
CA ALA A 16 1.80 1.19 -7.17
C ALA A 16 1.13 0.64 -5.93
N HIS A 17 0.59 -0.56 -6.05
CA HIS A 17 -0.14 -1.33 -5.05
C HIS A 17 0.02 -2.77 -5.51
N PRO A 18 0.05 -3.74 -4.60
CA PRO A 18 0.29 -5.12 -5.06
C PRO A 18 -0.73 -5.62 -6.08
N PHE A 19 -1.97 -5.14 -6.06
CA PHE A 19 -2.92 -5.67 -7.02
C PHE A 19 -3.97 -4.70 -7.56
N ILE A 20 -4.04 -3.46 -7.08
CA ILE A 20 -5.07 -2.52 -7.54
C ILE A 20 -4.56 -1.62 -8.65
N ALA A 21 -3.33 -1.10 -8.50
CA ALA A 21 -2.89 0.02 -9.32
C ALA A 21 -1.44 -0.19 -9.76
N ALA A 22 -1.14 0.30 -10.96
CA ALA A 22 0.20 0.26 -11.49
C ALA A 22 0.44 1.45 -12.40
N ARG A 23 1.67 1.93 -12.41
CA ARG A 23 2.12 2.92 -13.38
C ARG A 23 2.62 2.23 -14.64
N ILE A 24 2.40 2.88 -15.78
CA ILE A 24 2.89 2.41 -17.06
C ILE A 24 3.75 3.53 -17.61
N HIS A 25 5.05 3.29 -17.64
CA HIS A 25 6.02 4.29 -18.06
C HIS A 25 6.30 4.13 -19.53
N GLY A 26 6.93 5.15 -20.10
CA GLY A 26 7.51 5.04 -21.42
C GLY A 26 6.55 5.20 -22.57
N LEU A 27 5.34 5.67 -22.31
CA LEU A 27 4.33 5.93 -23.34
C LEU A 27 4.18 7.43 -23.56
N ASP A 28 4.05 7.81 -24.83
CA ASP A 28 3.72 9.18 -25.24
C ASP A 28 2.30 9.14 -25.81
N LEU A 29 1.32 9.46 -24.97
CA LEU A 29 -0.07 9.35 -25.42
C LEU A 29 -0.51 10.54 -26.27
N SER A 30 0.40 11.45 -26.61
CA SER A 30 0.02 12.47 -27.59
C SER A 30 -0.07 11.89 -29.00
N LYS A 31 0.43 10.69 -29.22
CA LYS A 31 0.37 10.00 -30.50
C LYS A 31 -0.54 8.77 -30.41
N PRO A 32 -1.23 8.43 -31.49
CA PRO A 32 -2.11 7.26 -31.45
C PRO A 32 -1.31 6.00 -31.17
N LEU A 33 -1.87 5.12 -30.37
CA LEU A 33 -1.19 3.88 -30.03
C LEU A 33 -1.49 2.83 -31.08
N SER A 34 -0.54 1.93 -31.27
CA SER A 34 -0.76 0.79 -32.14
C SER A 34 -1.79 -0.14 -31.51
N ASP A 35 -2.37 -1.01 -32.34
CA ASP A 35 -3.37 -1.93 -31.81
C ASP A 35 -2.75 -2.88 -30.77
N GLU A 36 -1.53 -3.37 -31.04
CA GLU A 36 -0.87 -4.26 -30.09
C GLU A 36 -0.68 -3.59 -28.73
N ARG A 37 -0.38 -2.29 -28.73
CA ARG A 37 -0.21 -1.56 -27.48
C ARG A 37 -1.53 -1.42 -26.74
N ILE A 38 -2.62 -1.17 -27.46
CA ILE A 38 -3.92 -1.05 -26.81
C ILE A 38 -4.31 -2.36 -26.17
N VAL A 39 -4.05 -3.48 -26.86
CA VAL A 39 -4.32 -4.79 -26.28
C VAL A 39 -3.48 -5.00 -25.02
N GLU A 40 -2.18 -4.67 -25.08
CA GLU A 40 -1.33 -4.84 -23.90
C GLU A 40 -1.87 -4.07 -22.72
N ILE A 41 -2.31 -2.83 -22.93
CA ILE A 41 -2.88 -2.04 -21.84
C ILE A 41 -4.14 -2.73 -21.29
N GLU A 42 -5.00 -3.22 -22.19
CA GLU A 42 -6.18 -3.96 -21.73
C GLU A 42 -5.76 -5.14 -20.85
N GLN A 43 -4.76 -5.90 -21.29
CA GLN A 43 -4.30 -7.03 -20.49
C GLN A 43 -3.75 -6.56 -19.14
N ALA A 44 -2.98 -5.48 -19.14
CA ALA A 44 -2.46 -4.95 -17.88
C ALA A 44 -3.60 -4.52 -16.96
N SER A 45 -4.68 -3.96 -17.51
CA SER A 45 -5.82 -3.58 -16.67
C SER A 45 -6.48 -4.81 -16.04
N GLY A 46 -6.44 -5.96 -16.69
CA GLY A 46 -6.97 -7.18 -16.10
C GLY A 46 -6.30 -7.56 -14.80
N GLN A 47 -5.01 -7.27 -14.67
CA GLN A 47 -4.29 -7.43 -13.41
C GLN A 47 -4.49 -6.23 -12.49
N TYR A 48 -4.12 -5.02 -12.95
CA TYR A 48 -4.27 -3.79 -12.17
C TYR A 48 -5.41 -2.95 -12.76
N PRO A 49 -6.61 -2.97 -12.19
CA PRO A 49 -7.72 -2.20 -12.78
C PRO A 49 -7.53 -0.68 -12.73
N VAL A 50 -6.53 -0.17 -12.00
CA VAL A 50 -6.16 1.24 -12.01
C VAL A 50 -4.78 1.35 -12.68
N LEU A 51 -4.72 2.07 -13.80
CA LEU A 51 -3.47 2.30 -14.52
C LEU A 51 -3.17 3.80 -14.54
N ILE A 52 -1.94 4.14 -14.21
CA ILE A 52 -1.46 5.51 -14.08
C ILE A 52 -0.40 5.75 -15.13
N PHE A 53 -0.64 6.72 -16.02
CA PHE A 53 0.35 7.09 -17.02
C PHE A 53 0.94 8.45 -16.61
N PRO A 54 2.15 8.49 -16.05
CA PRO A 54 2.69 9.77 -15.56
C PRO A 54 3.00 10.74 -16.68
N ARG A 55 2.91 12.03 -16.34
CA ARG A 55 3.49 13.11 -17.15
C ARG A 55 3.00 13.09 -18.60
N GLN A 56 1.67 13.10 -18.75
CA GLN A 56 1.03 13.10 -20.06
C GLN A 56 0.53 14.52 -20.34
N TYR A 57 1.35 15.31 -21.03
CA TYR A 57 0.97 16.68 -21.39
C TYR A 57 0.22 16.67 -22.71
N ILE A 58 -1.03 16.19 -22.65
CA ILE A 58 -1.86 16.04 -23.84
C ILE A 58 -3.10 16.91 -23.74
N ASP A 59 -3.61 17.34 -24.88
CA ASP A 59 -4.84 18.13 -24.87
C ASP A 59 -6.07 17.21 -24.84
N ASP A 60 -7.25 17.82 -24.84
CA ASP A 60 -8.49 17.06 -24.67
C ASP A 60 -8.77 16.16 -25.87
N ASP A 61 -8.47 16.65 -27.09
CA ASP A 61 -8.65 15.79 -28.25
C ASP A 61 -7.82 14.52 -28.11
N GLN A 62 -6.56 14.65 -27.68
CA GLN A 62 -5.72 13.48 -27.56
C GLN A 62 -6.17 12.59 -26.41
N LEU A 63 -6.66 13.18 -25.31
CA LEU A 63 -7.21 12.37 -24.23
C LEU A 63 -8.42 11.57 -24.71
N LEU A 64 -9.34 12.23 -25.42
CA LEU A 64 -10.50 11.52 -25.94
C LEU A 64 -10.09 10.45 -26.94
N ALA A 65 -9.10 10.75 -27.78
CA ALA A 65 -8.66 9.77 -28.76
C ALA A 65 -8.06 8.54 -28.09
N PHE A 66 -7.30 8.74 -27.02
CA PHE A 66 -6.76 7.61 -26.27
C PHE A 66 -7.88 6.79 -25.65
N ALA A 67 -8.82 7.46 -24.98
CA ALA A 67 -9.93 6.76 -24.35
C ALA A 67 -10.72 5.94 -25.37
N ALA A 68 -10.94 6.49 -26.58
CA ALA A 68 -11.76 5.83 -27.59
C ALA A 68 -11.15 4.53 -28.09
N GLY A 69 -9.90 4.24 -27.77
CA GLY A 69 -9.35 2.95 -28.13
C GLY A 69 -9.86 1.78 -27.29
N PHE A 70 -10.52 2.05 -26.16
CA PHE A 70 -10.96 1.00 -25.25
C PHE A 70 -12.46 0.82 -25.19
N GLY A 71 -13.23 1.66 -25.83
CA GLY A 71 -14.66 1.52 -25.86
C GLY A 71 -15.28 2.75 -26.45
N PRO A 72 -16.60 2.74 -26.65
CA PRO A 72 -17.28 3.92 -27.18
C PRO A 72 -17.37 5.01 -26.12
N LEU A 73 -17.16 6.26 -26.55
CA LEU A 73 -17.16 7.37 -25.62
C LEU A 73 -18.57 7.69 -25.13
N GLN A 74 -18.69 8.06 -23.85
CA GLN A 74 -19.97 8.51 -23.32
C GLN A 74 -20.25 9.94 -23.77
N VAL A 75 -21.39 10.17 -24.40
CA VAL A 75 -21.77 11.49 -24.88
C VAL A 75 -22.51 12.25 -23.78
N ASP A 109 -25.16 24.30 -8.48
CA ASP A 109 -25.43 23.72 -9.79
C ASP A 109 -25.06 22.24 -9.82
N ARG A 110 -24.82 21.71 -11.02
CA ARG A 110 -24.44 20.31 -11.10
C ARG A 110 -22.98 20.08 -10.76
N ARG A 111 -22.16 21.13 -10.69
CA ARG A 111 -20.79 20.94 -10.23
C ARG A 111 -20.78 20.66 -8.74
N ARG A 112 -21.58 21.41 -7.99
CA ARG A 112 -21.73 21.18 -6.55
C ARG A 112 -22.24 19.78 -6.28
N MET A 113 -23.26 19.35 -7.02
CA MET A 113 -23.83 18.04 -6.77
C MET A 113 -22.83 16.93 -7.09
N ASN A 114 -22.20 17.01 -8.26
CA ASN A 114 -21.25 15.97 -8.64
C ASN A 114 -20.08 15.93 -7.68
N ASN A 115 -19.64 17.10 -7.19
CA ASN A 115 -18.50 17.11 -6.28
C ASN A 115 -18.82 16.35 -4.99
N LEU A 116 -20.00 16.57 -4.42
CA LEU A 116 -20.37 15.95 -3.16
C LEU A 116 -20.75 14.48 -3.34
N THR A 117 -21.50 14.14 -4.39
CA THR A 117 -21.86 12.73 -4.55
C THR A 117 -20.64 11.87 -4.90
N SER A 118 -19.63 12.45 -5.53
CA SER A 118 -18.42 11.70 -5.84
CA SER A 118 -18.42 11.69 -5.84
C SER A 118 -17.57 11.40 -4.61
N ARG A 119 -17.88 12.01 -3.46
CA ARG A 119 -17.20 11.67 -2.22
C ARG A 119 -17.70 10.37 -1.61
N ARG A 120 -18.77 9.81 -2.17
CA ARG A 120 -19.30 8.51 -1.76
CA ARG A 120 -19.29 8.51 -1.76
C ARG A 120 -18.82 7.44 -2.74
N TRP A 121 -18.48 6.27 -2.19
CA TRP A 121 -18.00 5.16 -3.02
C TRP A 121 -19.01 4.79 -4.10
N HIS A 122 -18.58 4.73 -5.36
CA HIS A 122 -19.50 4.39 -6.44
C HIS A 122 -18.73 3.80 -7.61
N SER A 123 -19.47 3.19 -8.54
CA SER A 123 -18.95 2.74 -9.82
C SER A 123 -19.67 3.51 -10.92
N ASP A 124 -18.91 4.10 -11.85
CA ASP A 124 -19.46 5.09 -12.78
C ASP A 124 -20.62 4.54 -13.60
N ALA A 125 -21.72 5.31 -13.62
CA ALA A 125 -22.90 5.03 -14.44
C ALA A 125 -23.50 3.64 -14.18
N SER A 126 -23.26 3.07 -12.99
CA SER A 126 -23.93 1.83 -12.63
C SER A 126 -25.44 2.02 -12.56
N TYR A 127 -25.91 3.27 -12.49
CA TYR A 127 -27.33 3.58 -12.50
C TYR A 127 -27.93 3.53 -13.91
N LEU A 128 -27.12 3.23 -14.96
CA LEU A 128 -27.59 3.09 -16.33
C LEU A 128 -27.65 1.62 -16.72
N PRO A 129 -28.57 1.24 -17.60
CA PRO A 129 -28.52 -0.13 -18.14
C PRO A 129 -27.20 -0.45 -18.81
N LEU A 130 -26.53 0.55 -19.37
CA LEU A 130 -25.21 0.37 -20.00
C LEU A 130 -24.20 1.23 -19.26
N PRO A 131 -23.54 0.70 -18.24
CA PRO A 131 -22.66 1.51 -17.40
C PRO A 131 -21.32 1.77 -18.07
N ALA A 132 -20.43 2.42 -17.31
CA ALA A 132 -19.12 2.78 -17.82
C ALA A 132 -18.22 1.56 -17.90
N ARG A 133 -17.28 1.61 -18.85
CA ARG A 133 -16.20 0.63 -18.87
C ARG A 133 -15.01 1.24 -18.15
N TYR A 134 -14.10 1.89 -18.89
CA TYR A 134 -12.99 2.60 -18.30
C TYR A 134 -13.35 4.08 -18.15
N SER A 135 -12.94 4.66 -17.02
CA SER A 135 -12.97 6.11 -16.84
C SER A 135 -11.54 6.63 -16.85
N PHE A 136 -11.38 7.88 -17.27
CA PHE A 136 -10.07 8.51 -17.42
C PHE A 136 -10.10 9.90 -16.78
N LEU A 137 -9.04 10.20 -16.02
CA LEU A 137 -8.91 11.49 -15.34
C LEU A 137 -7.49 11.99 -15.56
N LEU A 138 -7.36 13.18 -16.15
CA LEU A 138 -6.05 13.79 -16.38
C LEU A 138 -5.94 15.04 -15.52
N SER A 139 -4.95 15.07 -14.64
CA SER A 139 -4.80 16.17 -13.69
CA SER A 139 -4.81 16.17 -13.69
C SER A 139 -4.05 17.34 -14.30
N TYR A 140 -4.60 18.53 -14.15
CA TYR A 140 -3.95 19.77 -14.54
C TYR A 140 -3.40 20.54 -13.36
N ILE A 141 -4.18 20.66 -12.28
CA ILE A 141 -3.76 21.40 -11.08
C ILE A 141 -4.11 20.55 -9.86
N VAL A 142 -3.12 20.26 -9.03
CA VAL A 142 -3.26 19.34 -7.91
C VAL A 142 -3.20 20.16 -6.61
N PRO A 143 -4.19 20.05 -5.73
CA PRO A 143 -4.10 20.74 -4.44
C PRO A 143 -3.04 20.11 -3.56
N ALA A 144 -2.50 20.91 -2.64
CA ALA A 144 -1.38 20.45 -1.83
C ALA A 144 -1.81 19.41 -0.81
N VAL A 145 -3.01 19.53 -0.26
CA VAL A 145 -3.45 18.67 0.84
C VAL A 145 -4.77 18.02 0.45
N GLY A 146 -4.83 16.69 0.54
CA GLY A 146 -6.06 16.00 0.23
C GLY A 146 -6.27 15.87 -1.27
N GLY A 147 -7.53 15.65 -1.66
CA GLY A 147 -7.85 15.55 -3.06
C GLY A 147 -7.45 14.24 -3.70
N GLN A 148 -7.17 13.21 -2.91
CA GLN A 148 -6.86 11.90 -3.46
C GLN A 148 -8.08 11.33 -4.15
N THR A 149 -7.84 10.45 -5.09
CA THR A 149 -8.87 9.54 -5.58
C THR A 149 -8.55 8.17 -5.01
N GLN A 150 -9.53 7.52 -4.40
CA GLN A 150 -9.35 6.23 -3.78
C GLN A 150 -10.11 5.16 -4.57
N PHE A 151 -9.54 3.95 -4.60
CA PHE A 151 -10.07 2.86 -5.39
C PHE A 151 -10.18 1.63 -4.53
N ALA A 152 -11.35 1.00 -4.55
CA ALA A 152 -11.61 -0.19 -3.75
C ALA A 152 -11.78 -1.39 -4.68
N ASP A 153 -11.00 -2.44 -4.43
CA ASP A 153 -10.96 -3.61 -5.31
C ASP A 153 -12.13 -4.54 -5.00
N MET A 154 -13.13 -4.57 -5.88
CA MET A 154 -14.30 -5.43 -5.69
C MET A 154 -14.00 -6.91 -5.96
N ARG A 155 -12.93 -7.22 -6.69
CA ARG A 155 -12.51 -8.61 -6.86
C ARG A 155 -11.92 -9.15 -5.56
N ALA A 156 -10.99 -8.39 -4.97
CA ALA A 156 -10.39 -8.78 -3.69
C ALA A 156 -11.45 -8.89 -2.62
N ALA A 157 -12.40 -7.96 -2.61
CA ALA A 157 -13.48 -8.01 -1.62
C ALA A 157 -14.31 -9.27 -1.81
N TYR A 158 -14.65 -9.61 -3.05
CA TYR A 158 -15.38 -10.84 -3.28
C TYR A 158 -14.57 -12.05 -2.81
N ASP A 159 -13.28 -12.07 -3.14
CA ASP A 159 -12.43 -13.22 -2.81
C ASP A 159 -12.36 -13.44 -1.31
N LYS A 160 -12.39 -12.37 -0.53
CA LYS A 160 -12.15 -12.48 0.90
C LYS A 160 -13.44 -12.54 1.72
N LEU A 161 -14.61 -12.59 1.07
CA LEU A 161 -15.87 -12.60 1.82
C LEU A 161 -15.93 -13.78 2.78
N PRO A 162 -16.45 -13.60 3.99
CA PRO A 162 -16.78 -14.73 4.86
C PRO A 162 -17.70 -15.69 4.12
N ASP A 163 -17.59 -16.97 4.46
CA ASP A 163 -18.29 -18.00 3.71
C ASP A 163 -19.79 -17.76 3.63
N HIS A 164 -20.40 -17.31 4.73
CA HIS A 164 -21.85 -17.13 4.74
C HIS A 164 -22.27 -15.97 3.84
N LEU A 165 -21.46 -14.91 3.76
CA LEU A 165 -21.78 -13.84 2.81
C LEU A 165 -21.52 -14.28 1.37
N ARG A 166 -20.49 -15.09 1.14
CA ARG A 166 -20.27 -15.63 -0.19
C ARG A 166 -21.49 -16.41 -0.67
N LYS A 167 -22.08 -17.21 0.20
CA LYS A 167 -23.23 -18.01 -0.21
C LYS A 167 -24.43 -17.14 -0.49
N VAL A 168 -24.60 -16.06 0.29
CA VAL A 168 -25.79 -15.22 0.15
C VAL A 168 -25.75 -14.42 -1.15
N VAL A 169 -24.58 -13.87 -1.52
CA VAL A 169 -24.56 -12.98 -2.68
C VAL A 169 -24.70 -13.74 -4.00
N GLU A 170 -24.40 -15.04 -4.03
CA GLU A 170 -24.41 -15.79 -5.27
C GLU A 170 -25.77 -15.72 -5.96
N GLY A 171 -25.77 -15.18 -7.19
CA GLY A 171 -26.98 -15.12 -8.01
C GLY A 171 -27.91 -13.96 -7.73
N LEU A 172 -27.57 -13.07 -6.82
CA LEU A 172 -28.44 -11.94 -6.54
C LEU A 172 -28.29 -10.86 -7.60
N SER A 173 -29.35 -10.06 -7.74
CA SER A 173 -29.32 -8.84 -8.53
C SER A 173 -29.78 -7.70 -7.64
N CYS A 174 -29.35 -6.49 -7.99
CA CYS A 174 -29.65 -5.31 -7.19
C CYS A 174 -30.31 -4.24 -8.05
N HIS A 175 -31.03 -3.35 -7.37
CA HIS A 175 -31.60 -2.15 -7.97
C HIS A 175 -30.59 -1.02 -7.92
N TYR A 176 -30.41 -0.32 -9.04
CA TYR A 176 -29.50 0.83 -9.13
C TYR A 176 -30.33 2.05 -9.56
N ASP A 177 -30.18 3.16 -8.82
CA ASP A 177 -31.18 4.25 -8.84
C ASP A 177 -30.48 5.57 -8.54
N ILE A 178 -30.18 6.36 -9.57
CA ILE A 178 -29.40 7.58 -9.36
C ILE A 178 -30.18 8.59 -8.53
N MET A 179 -31.50 8.68 -8.73
CA MET A 179 -32.29 9.66 -7.99
C MET A 179 -32.35 9.30 -6.51
N ALA A 180 -32.40 8.00 -6.20
CA ALA A 180 -32.35 7.59 -4.81
C ALA A 180 -30.99 7.93 -4.17
N SER A 181 -29.89 7.70 -4.90
CA SER A 181 -28.57 8.00 -4.33
C SER A 181 -28.37 9.50 -4.17
N ARG A 182 -28.86 10.28 -5.13
CA ARG A 182 -28.80 11.73 -4.97
C ARG A 182 -29.61 12.19 -3.78
N ALA A 183 -30.81 11.62 -3.60
CA ALA A 183 -31.63 11.99 -2.45
C ALA A 183 -30.94 11.64 -1.14
N ALA A 184 -30.24 10.50 -1.09
CA ALA A 184 -29.48 10.14 0.11
C ALA A 184 -28.36 11.13 0.39
N ALA A 185 -27.85 11.78 -0.66
CA ALA A 185 -26.85 12.84 -0.48
C ALA A 185 -27.48 14.20 -0.26
N GLY A 186 -28.81 14.28 -0.21
CA GLY A 186 -29.50 15.53 0.05
C GLY A 186 -29.95 16.30 -1.17
N PHE A 187 -29.95 15.69 -2.35
CA PHE A 187 -30.36 16.35 -3.59
C PHE A 187 -31.69 15.75 -4.03
N TYR A 188 -32.72 16.60 -4.11
CA TYR A 188 -34.06 16.14 -4.42
C TYR A 188 -34.63 16.79 -5.66
N ASP A 189 -33.91 17.73 -6.27
CA ASP A 189 -34.43 18.48 -7.40
C ASP A 189 -34.00 17.77 -8.68
N ALA A 190 -34.99 17.34 -9.45
CA ALA A 190 -34.71 16.74 -10.75
C ALA A 190 -35.94 16.91 -11.64
N SER A 191 -35.69 17.32 -12.89
CA SER A 191 -36.76 17.44 -13.86
C SER A 191 -37.38 16.08 -14.12
N ASP A 192 -38.67 16.09 -14.44
CA ASP A 192 -39.33 14.84 -14.78
C ASP A 192 -38.68 14.16 -15.97
N GLU A 193 -38.10 14.94 -16.88
CA GLU A 193 -37.40 14.37 -18.02
C GLU A 193 -36.17 13.59 -17.57
N GLU A 194 -35.39 14.14 -16.64
CA GLU A 194 -34.22 13.43 -16.14
C GLU A 194 -34.61 12.18 -15.36
N ARG A 195 -35.69 12.25 -14.58
CA ARG A 195 -36.12 11.07 -13.83
C ARG A 195 -36.52 9.95 -14.78
N LYS A 196 -37.21 10.27 -15.87
CA LYS A 196 -37.59 9.24 -16.82
C LYS A 196 -36.39 8.74 -17.61
N ALA A 197 -35.52 9.65 -18.08
CA ALA A 197 -34.35 9.23 -18.85
C ALA A 197 -33.42 8.36 -18.02
N LEU A 198 -33.38 8.58 -16.71
CA LEU A 198 -32.48 7.87 -15.83
C LEU A 198 -33.25 6.95 -14.89
N ALA A 199 -34.30 6.31 -15.42
CA ALA A 199 -35.11 5.43 -14.60
C ALA A 199 -34.23 4.32 -13.99
N PRO A 200 -34.58 3.84 -12.80
CA PRO A 200 -33.76 2.81 -12.15
C PRO A 200 -33.61 1.56 -13.02
N CYS A 201 -32.50 0.87 -12.84
CA CYS A 201 -32.25 -0.37 -13.59
C CYS A 201 -31.76 -1.44 -12.62
N ILE A 202 -31.44 -2.60 -13.18
CA ILE A 202 -31.03 -3.77 -12.41
C ILE A 202 -29.75 -4.35 -13.01
N HIS A 203 -28.82 -4.74 -12.14
CA HIS A 203 -27.60 -5.43 -12.53
C HIS A 203 -27.34 -6.58 -11.56
N GLU A 204 -26.68 -7.62 -12.06
CA GLU A 204 -26.28 -8.74 -11.22
C GLU A 204 -25.20 -8.31 -10.22
N LEU A 205 -25.28 -8.84 -9.01
CA LEU A 205 -24.37 -8.43 -7.95
C LEU A 205 -22.99 -9.06 -8.09
N VAL A 206 -22.90 -10.29 -8.58
CA VAL A 206 -21.61 -10.96 -8.74
C VAL A 206 -21.23 -10.93 -10.21
N ARG A 207 -20.18 -10.18 -10.53
CA ARG A 207 -19.71 -10.01 -11.90
C ARG A 207 -18.59 -10.97 -12.22
N THR A 208 -18.44 -11.24 -13.52
CA THR A 208 -17.28 -11.97 -14.03
C THR A 208 -16.61 -11.10 -15.09
N HIS A 209 -15.36 -10.77 -14.84
CA HIS A 209 -14.66 -9.84 -15.72
C HIS A 209 -14.34 -10.50 -17.05
N PRO A 210 -14.56 -9.81 -18.17
CA PRO A 210 -14.35 -10.43 -19.49
C PRO A 210 -12.88 -10.61 -19.86
N ILE A 211 -11.96 -9.83 -19.29
CA ILE A 211 -10.54 -9.97 -19.60
C ILE A 211 -9.87 -10.98 -18.68
N SER A 212 -10.06 -10.84 -17.37
CA SER A 212 -9.32 -11.64 -16.39
C SER A 212 -10.09 -12.85 -15.88
N GLY A 213 -11.41 -12.92 -16.10
CA GLY A 213 -12.23 -13.94 -15.48
C GLY A 213 -12.50 -13.75 -13.99
N ARG A 214 -12.02 -12.66 -13.39
CA ARG A 214 -12.18 -12.46 -11.94
C ARG A 214 -13.63 -12.18 -11.58
N LYS A 215 -14.08 -12.81 -10.49
CA LYS A 215 -15.37 -12.45 -9.91
C LYS A 215 -15.22 -11.25 -9.01
N SER A 216 -16.29 -10.46 -8.92
CA SER A 216 -16.26 -9.23 -8.15
C SER A 216 -17.68 -8.82 -7.75
N LEU A 217 -17.76 -7.98 -6.72
CA LEU A 217 -19.03 -7.43 -6.25
C LEU A 217 -19.36 -6.14 -7.00
N TYR A 218 -20.59 -6.04 -7.50
CA TYR A 218 -21.04 -4.82 -8.17
C TYR A 218 -21.63 -3.84 -7.14
N LEU A 219 -20.76 -3.34 -6.27
CA LEU A 219 -21.18 -2.38 -5.27
C LEU A 219 -21.14 -0.97 -5.85
N SER A 220 -22.02 -0.11 -5.33
CA SER A 220 -22.03 1.29 -5.73
C SER A 220 -23.01 2.02 -4.84
N SER A 221 -22.71 3.28 -4.57
CA SER A 221 -23.70 4.09 -3.86
C SER A 221 -25.03 4.14 -4.61
N HIS A 222 -25.02 3.84 -5.92
CA HIS A 222 -26.24 3.84 -6.71
C HIS A 222 -27.14 2.65 -6.41
N ALA A 223 -26.58 1.56 -5.88
CA ALA A 223 -27.33 0.37 -5.55
C ALA A 223 -28.14 0.59 -4.28
N THR A 224 -29.45 0.32 -4.34
CA THR A 224 -30.29 0.58 -3.18
C THR A 224 -30.64 -0.68 -2.41
N HIS A 225 -31.10 -1.74 -3.08
CA HIS A 225 -31.51 -2.96 -2.41
C HIS A 225 -31.49 -4.12 -3.40
N VAL A 226 -31.91 -5.29 -2.92
CA VAL A 226 -31.75 -6.56 -3.63
C VAL A 226 -33.07 -6.90 -4.31
N VAL A 227 -33.01 -7.28 -5.60
CA VAL A 227 -34.21 -7.64 -6.35
C VAL A 227 -34.87 -8.86 -5.72
N GLY A 228 -36.18 -8.80 -5.56
CA GLY A 228 -36.91 -9.94 -5.06
C GLY A 228 -36.82 -10.16 -3.56
N TRP A 229 -36.17 -9.26 -2.83
CA TRP A 229 -36.09 -9.20 -1.39
C TRP A 229 -36.83 -7.98 -0.87
N PRO A 230 -37.39 -8.05 0.34
CA PRO A 230 -37.89 -6.83 0.98
C PRO A 230 -36.75 -5.84 1.10
N GLU A 231 -37.08 -4.57 0.91
CA GLU A 231 -36.05 -3.53 0.91
C GLU A 231 -35.15 -3.55 2.13
N PRO A 232 -35.63 -3.68 3.38
CA PRO A 232 -34.70 -3.58 4.53
C PRO A 232 -33.58 -4.61 4.52
N GLU A 233 -33.93 -5.87 4.24
CA GLU A 233 -32.92 -6.92 4.17
C GLU A 233 -31.92 -6.65 3.05
N GLY A 234 -32.40 -6.11 1.93
CA GLY A 234 -31.50 -5.76 0.84
C GLY A 234 -30.57 -4.61 1.21
N ARG A 235 -31.12 -3.56 1.83
CA ARG A 235 -30.30 -2.44 2.27
C ARG A 235 -29.25 -2.87 3.29
N ASP A 236 -29.64 -3.76 4.21
CA ASP A 236 -28.70 -4.18 5.23
C ASP A 236 -27.59 -5.03 4.64
N LEU A 237 -27.91 -5.89 3.66
CA LEU A 237 -26.87 -6.67 2.99
C LEU A 237 -25.90 -5.75 2.28
N LEU A 238 -26.41 -4.74 1.56
CA LEU A 238 -25.52 -3.83 0.85
C LEU A 238 -24.70 -3.00 1.83
N ARG A 239 -25.27 -2.62 2.97
CA ARG A 239 -24.52 -1.93 4.00
C ARG A 239 -23.34 -2.78 4.48
N GLU A 240 -23.62 -4.05 4.79
CA GLU A 240 -22.57 -4.93 5.29
C GLU A 240 -21.49 -5.14 4.25
N LEU A 241 -21.88 -5.37 2.99
CA LEU A 241 -20.89 -5.58 1.92
C LEU A 241 -20.06 -4.32 1.69
N THR A 242 -20.68 -3.14 1.70
CA THR A 242 -19.94 -1.91 1.42
C THR A 242 -18.93 -1.61 2.51
N GLU A 243 -19.30 -1.80 3.77
CA GLU A 243 -18.33 -1.62 4.84
C GLU A 243 -17.19 -2.61 4.68
N PHE A 244 -17.52 -3.87 4.40
CA PHE A 244 -16.49 -4.89 4.26
C PHE A 244 -15.54 -4.56 3.10
N ALA A 245 -16.11 -4.21 1.93
CA ALA A 245 -15.32 -4.05 0.71
C ALA A 245 -14.49 -2.78 0.68
N THR A 246 -14.70 -1.84 1.61
CA THR A 246 -13.93 -0.62 1.63
C THR A 246 -12.99 -0.55 2.82
N GLN A 247 -12.74 -1.68 3.48
CA GLN A 247 -11.70 -1.76 4.48
C GLN A 247 -10.35 -1.49 3.82
N PRO A 248 -9.36 -1.02 4.59
CA PRO A 248 -8.10 -0.56 3.96
C PRO A 248 -7.39 -1.62 3.13
N GLN A 249 -7.52 -2.90 3.49
CA GLN A 249 -6.84 -3.92 2.72
C GLN A 249 -7.37 -4.05 1.29
N PHE A 250 -8.53 -3.43 0.98
CA PHE A 250 -9.08 -3.49 -0.36
C PHE A 250 -8.95 -2.15 -1.09
N VAL A 251 -8.28 -1.16 -0.49
CA VAL A 251 -8.29 0.21 -0.98
C VAL A 251 -6.88 0.67 -1.33
N TYR A 252 -6.77 1.35 -2.48
CA TYR A 252 -5.59 2.11 -2.88
C TYR A 252 -5.97 3.58 -2.95
N SER A 253 -5.21 4.42 -2.26
CA SER A 253 -5.42 5.87 -2.26
C SER A 253 -4.38 6.52 -3.19
N HIS A 254 -4.85 7.16 -4.25
CA HIS A 254 -3.92 7.72 -5.22
C HIS A 254 -3.58 9.15 -4.85
N GLU A 255 -2.29 9.38 -4.53
CA GLU A 255 -1.76 10.74 -4.37
C GLU A 255 -1.43 11.29 -5.74
N TRP A 256 -2.17 12.31 -6.16
CA TRP A 256 -2.06 12.83 -7.51
C TRP A 256 -0.75 13.56 -7.74
N SER A 257 -0.23 13.44 -8.96
CA SER A 257 0.84 14.28 -9.46
C SER A 257 0.32 15.02 -10.68
N VAL A 258 0.88 16.20 -10.94
CA VAL A 258 0.45 16.98 -12.10
C VAL A 258 0.65 16.16 -13.37
N ARG A 259 -0.40 16.14 -14.21
CA ARG A 259 -0.43 15.46 -15.50
C ARG A 259 -0.32 13.93 -15.39
N ASP A 260 -0.70 13.38 -14.24
CA ASP A 260 -1.04 11.97 -14.17
C ASP A 260 -2.26 11.74 -15.04
N LEU A 261 -2.21 10.72 -15.90
CA LEU A 261 -3.41 10.20 -16.55
C LEU A 261 -3.76 8.90 -15.84
N VAL A 262 -4.90 8.88 -15.16
CA VAL A 262 -5.33 7.70 -14.41
C VAL A 262 -6.53 7.12 -15.12
N MET A 263 -6.42 5.85 -15.49
CA MET A 263 -7.45 5.09 -16.18
C MET A 263 -7.87 3.95 -15.26
N TRP A 264 -9.18 3.83 -14.99
CA TRP A 264 -9.63 2.77 -14.09
C TRP A 264 -10.84 2.05 -14.67
N ASP A 265 -10.90 0.76 -14.35
CA ASP A 265 -11.91 -0.17 -14.87
C ASP A 265 -13.06 -0.23 -13.88
N ASN A 266 -14.17 0.44 -14.20
CA ASN A 266 -15.34 0.43 -13.33
C ASN A 266 -15.93 -0.96 -13.15
N ARG A 267 -15.60 -1.91 -14.03
CA ARG A 267 -16.13 -3.27 -13.93
C ARG A 267 -15.54 -4.05 -12.76
N ALA A 268 -14.49 -3.52 -12.10
CA ALA A 268 -13.83 -4.20 -11.01
C ALA A 268 -13.68 -3.34 -9.76
N LEU A 269 -14.22 -2.13 -9.76
CA LEU A 269 -13.86 -1.18 -8.72
C LEU A 269 -15.06 -0.38 -8.25
N MET A 270 -14.88 0.23 -7.09
CA MET A 270 -15.55 1.44 -6.69
C MET A 270 -14.46 2.48 -6.52
N HIS A 271 -14.85 3.75 -6.62
CA HIS A 271 -13.88 4.81 -6.36
C HIS A 271 -14.60 5.97 -5.70
N ARG A 272 -13.82 6.89 -5.15
CA ARG A 272 -14.39 8.09 -4.58
C ARG A 272 -13.33 9.16 -4.54
N GLY A 273 -13.76 10.42 -4.58
CA GLY A 273 -12.86 11.54 -4.38
C GLY A 273 -12.83 11.95 -2.92
N ARG A 274 -11.70 12.50 -2.51
CA ARG A 274 -11.51 12.98 -1.16
C ARG A 274 -11.47 14.49 -1.15
N PRO A 275 -11.99 15.15 -0.12
CA PRO A 275 -11.89 16.61 -0.06
C PRO A 275 -10.41 17.03 -0.07
N HIS A 276 -10.15 18.22 -0.62
CA HIS A 276 -8.84 18.84 -0.47
C HIS A 276 -8.95 20.03 0.48
N ILE A 277 -7.84 20.36 1.14
CA ILE A 277 -7.83 21.29 2.26
C ILE A 277 -6.84 22.40 1.96
N PRO A 278 -7.26 23.68 1.92
CA PRO A 278 -8.67 24.09 2.04
C PRO A 278 -9.42 23.89 0.74
N GLU A 279 -10.76 23.81 0.82
CA GLU A 279 -11.57 23.61 -0.37
C GLU A 279 -11.42 24.75 -1.37
N THR A 280 -10.88 25.89 -0.94
CA THR A 280 -10.70 27.02 -1.84
C THR A 280 -9.53 26.83 -2.80
N ASP A 281 -8.60 25.90 -2.49
CA ASP A 281 -7.56 25.60 -3.46
C ASP A 281 -8.19 25.05 -4.73
N VAL A 282 -7.57 25.35 -5.86
CA VAL A 282 -8.11 24.91 -7.14
C VAL A 282 -7.69 23.47 -7.40
N ARG A 283 -8.60 22.72 -8.02
CA ARG A 283 -8.36 21.34 -8.44
C ARG A 283 -8.96 21.19 -9.83
N GLU A 284 -8.12 21.02 -10.84
CA GLU A 284 -8.58 20.94 -12.21
C GLU A 284 -8.25 19.57 -12.76
N MET A 285 -9.29 18.84 -13.16
CA MET A 285 -9.20 17.49 -13.73
C MET A 285 -10.00 17.44 -15.01
N HIS A 286 -9.45 16.79 -16.03
CA HIS A 286 -10.15 16.57 -17.29
C HIS A 286 -10.53 15.10 -17.38
N ARG A 287 -11.80 14.84 -17.73
CA ARG A 287 -12.36 13.50 -17.64
C ARG A 287 -12.87 13.04 -18.99
N ALA A 288 -12.82 11.72 -19.18
CA ALA A 288 -13.45 11.03 -20.31
C ALA A 288 -13.96 9.69 -19.81
N THR A 289 -15.00 9.21 -20.46
CA THR A 289 -15.63 7.97 -20.01
C THR A 289 -16.01 7.12 -21.22
N THR A 290 -15.72 5.82 -21.13
CA THR A 290 -16.16 4.86 -22.12
C THR A 290 -17.27 4.02 -21.53
N LEU A 291 -18.16 3.54 -22.40
CA LEU A 291 -19.30 2.71 -22.01
C LEU A 291 -18.99 1.24 -22.25
N ASP A 292 -19.57 0.39 -21.41
CA ASP A 292 -19.28 -1.05 -21.42
C ASP A 292 -20.20 -1.77 -22.40
N ASP A 293 -20.10 -1.38 -23.67
CA ASP A 293 -20.90 -1.98 -24.74
C ASP A 293 -20.21 -3.24 -25.20
N ARG A 294 -20.72 -4.40 -24.78
CA ARG A 294 -20.05 -5.66 -25.10
C ARG A 294 -20.12 -6.01 -26.59
N THR A 295 -20.93 -5.31 -27.39
CA THR A 295 -20.95 -5.52 -28.83
C THR A 295 -19.97 -4.61 -29.58
N TRP A 296 -19.36 -3.65 -28.90
CA TRP A 296 -18.45 -2.73 -29.55
C TRP A 296 -17.15 -3.44 -29.88
N THR A 297 -16.55 -3.04 -31.00
CA THR A 297 -15.26 -3.60 -31.42
C THR A 297 -14.36 -2.47 -31.90
N ARG A 298 -13.07 -2.62 -31.64
CA ARG A 298 -12.07 -1.67 -32.13
C ARG A 298 -12.00 -1.76 -33.64
N GLY A 299 -12.26 -0.64 -34.31
CA GLY A 299 -12.07 -0.50 -35.75
C GLY A 299 -12.39 -1.70 -36.63
N SER B 10 -9.94 -11.92 18.66
CA SER B 10 -10.60 -10.78 19.27
C SER B 10 -9.76 -9.50 19.22
N LEU B 11 -8.54 -9.59 18.70
CA LEU B 11 -7.68 -8.42 18.55
C LEU B 11 -8.28 -7.43 17.56
N ASN B 12 -8.10 -6.14 17.84
CA ASN B 12 -8.59 -5.08 16.97
C ASN B 12 -7.50 -4.84 15.94
N VAL B 13 -7.61 -5.54 14.81
CA VAL B 13 -6.62 -5.58 13.75
C VAL B 13 -7.05 -4.68 12.60
N GLU B 14 -6.17 -3.79 12.17
CA GLU B 14 -6.45 -2.91 11.05
C GLU B 14 -5.31 -3.00 10.05
N ALA B 15 -5.61 -3.47 8.84
CA ALA B 15 -4.57 -3.64 7.83
C ALA B 15 -3.92 -2.30 7.52
N ALA B 16 -2.60 -2.28 7.53
CA ALA B 16 -1.83 -1.15 7.02
C ALA B 16 -1.38 -1.39 5.59
N HIS B 17 -1.51 -2.63 5.13
CA HIS B 17 -1.12 -3.13 3.83
C HIS B 17 -1.99 -4.36 3.62
N PRO B 18 -2.34 -4.72 2.39
CA PRO B 18 -3.28 -5.86 2.22
C PRO B 18 -2.77 -7.18 2.83
N PHE B 19 -1.45 -7.39 2.89
CA PHE B 19 -0.98 -8.66 3.44
C PHE B 19 0.33 -8.61 4.22
N ILE B 20 1.03 -7.48 4.28
CA ILE B 20 2.33 -7.42 4.94
C ILE B 20 2.19 -6.94 6.38
N ALA B 21 1.36 -5.93 6.63
CA ALA B 21 1.40 -5.21 7.91
C ALA B 21 0.01 -4.85 8.39
N ALA B 22 -0.15 -4.86 9.71
CA ALA B 22 -1.39 -4.41 10.33
C ALA B 22 -1.09 -3.74 11.66
N ARG B 23 -1.93 -2.77 12.00
CA ARG B 23 -1.94 -2.19 13.33
C ARG B 23 -2.85 -3.00 14.23
N ILE B 24 -2.47 -3.08 15.50
CA ILE B 24 -3.24 -3.74 16.54
C ILE B 24 -3.52 -2.69 17.59
N HIS B 25 -4.79 -2.29 17.69
CA HIS B 25 -5.20 -1.23 18.58
C HIS B 25 -5.67 -1.81 19.91
N GLY B 26 -5.76 -0.95 20.91
CA GLY B 26 -6.43 -1.29 22.15
C GLY B 26 -5.66 -2.13 23.15
N LEU B 27 -4.34 -2.26 22.97
CA LEU B 27 -3.47 -2.99 23.89
C LEU B 27 -2.61 -2.03 24.71
N ASP B 28 -2.43 -2.32 25.99
CA ASP B 28 -1.49 -1.59 26.84
C ASP B 28 -0.33 -2.54 27.14
N LEU B 29 0.75 -2.39 26.41
CA LEU B 29 1.88 -3.31 26.57
C LEU B 29 2.76 -2.98 27.76
N SER B 30 2.41 -1.99 28.59
CA SER B 30 3.13 -1.79 29.83
C SER B 30 2.77 -2.84 30.87
N LYS B 31 1.72 -3.62 30.65
CA LYS B 31 1.35 -4.70 31.54
C LYS B 31 1.53 -6.03 30.82
N PRO B 32 1.89 -7.10 31.54
CA PRO B 32 2.11 -8.39 30.89
C PRO B 32 0.82 -8.91 30.27
N LEU B 33 0.96 -9.48 29.08
CA LEU B 33 -0.18 -10.03 28.37
C LEU B 33 -0.49 -11.45 28.81
N SER B 34 -1.77 -11.81 28.78
CA SER B 34 -2.16 -13.17 29.08
C SER B 34 -1.68 -14.10 27.97
N ASP B 35 -1.63 -15.40 28.30
CA ASP B 35 -1.19 -16.38 27.31
C ASP B 35 -2.11 -16.39 26.11
N GLU B 36 -3.43 -16.29 26.33
CA GLU B 36 -4.37 -16.24 25.23
C GLU B 36 -4.09 -15.07 24.30
N ARG B 37 -3.74 -13.91 24.87
CA ARG B 37 -3.43 -12.74 24.07
C ARG B 37 -2.13 -12.93 23.26
N ILE B 38 -1.12 -13.54 23.88
CA ILE B 38 0.13 -13.79 23.16
C ILE B 38 -0.11 -14.72 21.97
N VAL B 39 -0.91 -15.76 22.17
CA VAL B 39 -1.26 -16.65 21.06
C VAL B 39 -2.00 -15.89 19.95
N GLU B 40 -2.93 -15.00 20.34
CA GLU B 40 -3.64 -14.19 19.33
C GLU B 40 -2.66 -13.37 18.49
N ILE B 41 -1.67 -12.75 19.13
CA ILE B 41 -0.69 -11.96 18.39
C ILE B 41 0.11 -12.83 17.44
N GLU B 42 0.56 -14.01 17.91
CA GLU B 42 1.24 -14.94 17.02
C GLU B 42 0.37 -15.29 15.82
N GLN B 43 -0.90 -15.55 16.05
CA GLN B 43 -1.80 -15.87 14.94
C GLN B 43 -1.93 -14.69 13.97
N ALA B 44 -2.06 -13.47 14.51
CA ALA B 44 -2.17 -12.30 13.65
C ALA B 44 -0.91 -12.11 12.82
N SER B 45 0.26 -12.37 13.42
CA SER B 45 1.51 -12.25 12.66
C SER B 45 1.58 -13.30 11.56
N GLY B 46 0.94 -14.45 11.76
CA GLY B 46 0.86 -15.44 10.71
C GLY B 46 0.17 -14.90 9.46
N GLN B 47 -0.80 -14.01 9.64
CA GLN B 47 -1.38 -13.31 8.50
C GLN B 47 -0.50 -12.11 8.10
N TYR B 48 -0.26 -11.17 9.04
CA TYR B 48 0.55 -9.97 8.78
C TYR B 48 1.89 -10.08 9.52
N PRO B 49 2.99 -10.40 8.84
CA PRO B 49 4.28 -10.57 9.54
C PRO B 49 4.86 -9.27 10.12
N VAL B 50 4.30 -8.10 9.81
CA VAL B 50 4.66 -6.83 10.45
C VAL B 50 3.44 -6.38 11.26
N LEU B 51 3.61 -6.27 12.58
CA LEU B 51 2.56 -5.80 13.47
C LEU B 51 2.99 -4.49 14.13
N ILE B 52 2.09 -3.51 14.13
CA ILE B 52 2.35 -2.17 14.62
C ILE B 52 1.43 -1.91 15.80
N PHE B 53 2.02 -1.61 16.96
CA PHE B 53 1.26 -1.24 18.14
C PHE B 53 1.45 0.26 18.39
N PRO B 54 0.48 1.12 18.08
CA PRO B 54 0.70 2.57 18.20
C PRO B 54 0.82 3.01 19.65
N ARG B 55 1.56 4.11 19.82
CA ARG B 55 1.63 4.88 21.06
CA ARG B 55 1.61 4.87 21.06
C ARG B 55 1.82 3.99 22.28
N GLN B 56 2.95 3.26 22.32
CA GLN B 56 3.31 2.42 23.45
C GLN B 56 4.40 3.11 24.26
N TYR B 57 4.00 3.82 25.30
CA TYR B 57 4.94 4.47 26.21
C TYR B 57 5.39 3.47 27.28
N ILE B 58 6.25 2.54 26.85
CA ILE B 58 6.77 1.49 27.74
C ILE B 58 8.28 1.65 27.86
N ASP B 59 8.83 1.29 29.02
CA ASP B 59 10.27 1.42 29.20
C ASP B 59 10.97 0.16 28.66
N ASP B 60 12.31 0.12 28.78
CA ASP B 60 13.05 -0.98 28.16
C ASP B 60 12.76 -2.31 28.84
N ASP B 61 12.57 -2.32 30.16
CA ASP B 61 12.21 -3.55 30.84
C ASP B 61 10.90 -4.09 30.28
N GLN B 62 9.92 -3.21 30.09
CA GLN B 62 8.62 -3.66 29.57
C GLN B 62 8.71 -4.08 28.12
N LEU B 63 9.55 -3.42 27.32
CA LEU B 63 9.75 -3.86 25.94
C LEU B 63 10.34 -5.27 25.91
N LEU B 64 11.38 -5.52 26.72
CA LEU B 64 11.99 -6.85 26.77
C LEU B 64 11.01 -7.90 27.27
N ALA B 65 10.18 -7.56 28.26
CA ALA B 65 9.19 -8.52 28.76
C ALA B 65 8.15 -8.86 27.71
N PHE B 66 7.72 -7.87 26.92
CA PHE B 66 6.81 -8.16 25.82
C PHE B 66 7.46 -9.09 24.79
N ALA B 67 8.68 -8.76 24.37
CA ALA B 67 9.39 -9.58 23.39
C ALA B 67 9.56 -11.02 23.91
N ALA B 68 9.88 -11.17 25.19
CA ALA B 68 10.18 -12.48 25.74
C ALA B 68 8.98 -13.41 25.71
N GLY B 69 7.78 -12.90 25.46
CA GLY B 69 6.66 -13.81 25.31
C GLY B 69 6.65 -14.60 24.01
N PHE B 70 7.48 -14.22 23.03
CA PHE B 70 7.44 -14.84 21.72
C PHE B 70 8.65 -15.69 21.39
N GLY B 71 9.67 -15.67 22.24
CA GLY B 71 10.84 -16.51 22.03
C GLY B 71 11.93 -16.10 23.00
N PRO B 72 13.03 -16.83 22.99
CA PRO B 72 14.16 -16.46 23.84
C PRO B 72 14.87 -15.22 23.31
N LEU B 73 15.26 -14.35 24.23
CA LEU B 73 15.89 -13.09 23.84
C LEU B 73 17.32 -13.31 23.37
N GLN B 74 17.73 -12.58 22.33
CA GLN B 74 19.11 -12.62 21.89
C GLN B 74 19.96 -11.78 22.83
N VAL B 75 21.10 -12.34 23.26
CA VAL B 75 22.05 -11.65 24.11
C VAL B 75 23.14 -11.07 23.22
N ALA B 76 23.39 -9.76 23.36
CA ALA B 76 24.39 -9.08 22.55
C ALA B 76 25.81 -9.54 22.92
N VAL B 77 26.79 -9.08 22.14
CA VAL B 77 28.19 -9.42 22.36
C VAL B 77 29.09 -8.28 21.88
N ASP B 109 33.58 2.17 14.65
CA ASP B 109 32.39 2.18 15.51
C ASP B 109 31.34 1.22 14.98
N ARG B 110 30.73 0.44 15.87
CA ARG B 110 29.71 -0.48 15.40
C ARG B 110 28.36 0.19 15.17
N ARG B 111 28.15 1.41 15.69
CA ARG B 111 26.93 2.13 15.38
C ARG B 111 26.95 2.56 13.91
N ARG B 112 28.08 3.11 13.47
CA ARG B 112 28.25 3.47 12.07
C ARG B 112 28.06 2.28 11.15
N MET B 113 28.66 1.14 11.51
CA MET B 113 28.58 -0.01 10.63
C MET B 113 27.15 -0.55 10.54
N ASN B 114 26.49 -0.73 11.70
CA ASN B 114 25.13 -1.24 11.70
C ASN B 114 24.19 -0.32 10.96
N ASN B 115 24.40 0.99 11.09
CA ASN B 115 23.55 1.95 10.40
C ASN B 115 23.63 1.79 8.89
N LEU B 116 24.85 1.63 8.37
CA LEU B 116 25.02 1.51 6.93
C LEU B 116 24.60 0.14 6.42
N THR B 117 24.97 -0.95 7.12
CA THR B 117 24.58 -2.27 6.62
C THR B 117 23.08 -2.48 6.72
N SER B 118 22.41 -1.78 7.65
CA SER B 118 20.97 -1.93 7.77
CA SER B 118 20.96 -1.91 7.78
C SER B 118 20.21 -1.27 6.62
N ARG B 119 20.88 -0.45 5.80
CA ARG B 119 20.25 0.11 4.62
C ARG B 119 20.16 -0.89 3.47
N ARG B 120 20.71 -2.10 3.63
CA ARG B 120 20.58 -3.17 2.65
CA ARG B 120 20.59 -3.17 2.65
C ARG B 120 19.56 -4.19 3.14
N TRP B 121 18.81 -4.77 2.19
CA TRP B 121 17.77 -5.72 2.55
C TRP B 121 18.39 -6.95 3.23
N HIS B 122 17.88 -7.28 4.42
CA HIS B 122 18.40 -8.42 5.14
C HIS B 122 17.31 -9.02 6.02
N SER B 123 17.57 -10.23 6.51
CA SER B 123 16.76 -10.88 7.52
C SER B 123 17.64 -11.08 8.76
N ASP B 124 17.16 -10.64 9.91
CA ASP B 124 18.02 -10.54 11.10
C ASP B 124 18.68 -11.86 11.46
N ALA B 125 19.99 -11.80 11.66
CA ALA B 125 20.80 -12.91 12.14
C ALA B 125 20.71 -14.14 11.23
N SER B 126 20.37 -13.96 9.94
CA SER B 126 20.39 -15.11 9.03
C SER B 126 21.80 -15.66 8.86
N TYR B 127 22.82 -14.90 9.22
CA TYR B 127 24.21 -15.36 9.19
C TYR B 127 24.56 -16.27 10.35
N LEU B 128 23.63 -16.51 11.29
CA LEU B 128 23.85 -17.41 12.43
C LEU B 128 23.13 -18.73 12.22
N PRO B 129 23.67 -19.83 12.76
CA PRO B 129 22.93 -21.11 12.68
C PRO B 129 21.55 -21.04 13.31
N LEU B 130 21.37 -20.18 14.31
CA LEU B 130 20.08 -19.95 14.97
C LEU B 130 19.68 -18.50 14.76
N PRO B 131 18.93 -18.19 13.72
CA PRO B 131 18.64 -16.79 13.38
C PRO B 131 17.54 -16.22 14.25
N ALA B 132 17.18 -14.97 13.95
CA ALA B 132 16.16 -14.27 14.71
C ALA B 132 14.78 -14.79 14.36
N ARG B 133 13.86 -14.71 15.34
CA ARG B 133 12.45 -14.95 15.08
C ARG B 133 11.79 -13.58 14.87
N TYR B 134 11.24 -13.01 15.93
CA TYR B 134 10.67 -11.66 15.86
C TYR B 134 11.70 -10.62 16.32
N SER B 135 11.72 -9.50 15.61
CA SER B 135 12.43 -8.30 16.04
C SER B 135 11.41 -7.25 16.44
N PHE B 136 11.82 -6.38 17.34
CA PHE B 136 10.95 -5.34 17.90
C PHE B 136 11.69 -4.02 17.86
N LEU B 137 11.02 -2.98 17.38
CA LEU B 137 11.59 -1.64 17.27
C LEU B 137 10.58 -0.67 17.84
N LEU B 138 10.98 0.09 18.85
CA LEU B 138 10.12 1.08 19.50
C LEU B 138 10.71 2.47 19.28
N SER B 139 9.98 3.34 18.59
CA SER B 139 10.51 4.66 18.29
C SER B 139 10.38 5.59 19.49
N TYR B 140 11.46 6.29 19.81
CA TYR B 140 11.43 7.38 20.77
C TYR B 140 11.38 8.74 20.10
N ILE B 141 12.22 8.94 19.08
CA ILE B 141 12.36 10.24 18.41
C ILE B 141 12.39 9.96 16.91
N VAL B 142 11.49 10.58 16.16
CA VAL B 142 11.28 10.30 14.74
C VAL B 142 11.75 11.51 13.93
N PRO B 143 12.70 11.35 13.00
CA PRO B 143 13.09 12.47 12.15
C PRO B 143 11.98 12.84 11.18
N ALA B 144 12.00 14.11 10.75
CA ALA B 144 10.89 14.64 9.96
C ALA B 144 10.83 14.06 8.56
N VAL B 145 11.98 13.77 7.95
CA VAL B 145 12.03 13.34 6.55
C VAL B 145 12.86 12.06 6.44
N GLY B 146 12.28 11.03 5.82
CA GLY B 146 12.98 9.77 5.64
C GLY B 146 12.97 8.90 6.88
N GLY B 147 13.90 7.95 6.94
CA GLY B 147 13.97 7.08 8.10
C GLY B 147 12.93 6.00 8.16
N GLN B 148 12.26 5.70 7.04
CA GLN B 148 11.28 4.63 7.05
C GLN B 148 11.97 3.28 7.30
N THR B 149 11.21 2.33 7.82
CA THR B 149 11.61 0.94 7.81
C THR B 149 10.73 0.22 6.81
N GLN B 150 11.36 -0.48 5.86
CA GLN B 150 10.66 -1.11 4.76
C GLN B 150 10.78 -2.63 4.90
N PHE B 151 9.72 -3.31 4.48
CA PHE B 151 9.58 -4.75 4.68
C PHE B 151 9.17 -5.39 3.37
N ALA B 152 9.87 -6.45 2.99
CA ALA B 152 9.62 -7.19 1.76
C ALA B 152 9.09 -8.58 2.12
N ASP B 153 7.93 -8.91 1.57
CA ASP B 153 7.22 -10.15 1.92
C ASP B 153 7.79 -11.31 1.12
N MET B 154 8.58 -12.16 1.77
CA MET B 154 9.18 -13.31 1.09
C MET B 154 8.17 -14.43 0.80
N ARG B 155 7.02 -14.46 1.47
CA ARG B 155 5.98 -15.41 1.11
C ARG B 155 5.32 -15.01 -0.21
N ALA B 156 4.91 -13.74 -0.32
CA ALA B 156 4.34 -13.25 -1.57
C ALA B 156 5.33 -13.39 -2.72
N ALA B 157 6.62 -13.12 -2.48
CA ALA B 157 7.59 -13.25 -3.55
C ALA B 157 7.70 -14.70 -4.02
N TYR B 158 7.72 -15.64 -3.08
CA TYR B 158 7.74 -17.05 -3.47
C TYR B 158 6.50 -17.41 -4.27
N ASP B 159 5.33 -16.98 -3.80
CA ASP B 159 4.07 -17.30 -4.46
C ASP B 159 4.03 -16.81 -5.91
N LYS B 160 4.61 -15.65 -6.17
CA LYS B 160 4.49 -15.01 -7.48
C LYS B 160 5.66 -15.30 -8.40
N LEU B 161 6.60 -16.15 -7.98
CA LEU B 161 7.75 -16.42 -8.81
C LEU B 161 7.34 -16.97 -10.18
N PRO B 162 7.99 -16.56 -11.26
CA PRO B 162 7.82 -17.26 -12.54
C PRO B 162 8.07 -18.74 -12.34
N ASP B 163 7.40 -19.57 -13.15
CA ASP B 163 7.45 -21.01 -12.94
CA ASP B 163 7.45 -21.01 -12.94
C ASP B 163 8.87 -21.56 -12.99
N HIS B 164 9.70 -21.04 -13.90
CA HIS B 164 11.04 -21.61 -14.05
C HIS B 164 11.89 -21.32 -12.80
N LEU B 165 11.71 -20.15 -12.20
CA LEU B 165 12.39 -19.87 -10.94
C LEU B 165 11.80 -20.70 -9.80
N ARG B 166 10.47 -20.90 -9.82
CA ARG B 166 9.87 -21.78 -8.82
CA ARG B 166 9.88 -21.77 -8.81
C ARG B 166 10.50 -23.16 -8.86
N LYS B 167 10.66 -23.74 -10.05
CA LYS B 167 11.25 -25.07 -10.15
C LYS B 167 12.69 -25.07 -9.67
N VAL B 168 13.43 -24.00 -9.98
CA VAL B 168 14.86 -23.96 -9.68
C VAL B 168 15.12 -23.88 -8.18
N VAL B 169 14.34 -23.07 -7.46
CA VAL B 169 14.66 -22.79 -6.06
C VAL B 169 14.33 -23.96 -5.15
N GLU B 170 13.40 -24.83 -5.56
CA GLU B 170 12.95 -25.91 -4.67
C GLU B 170 14.13 -26.79 -4.26
N GLY B 171 14.28 -27.02 -2.96
CA GLY B 171 15.36 -27.88 -2.48
C GLY B 171 16.75 -27.28 -2.44
N LEU B 172 16.93 -26.01 -2.79
CA LEU B 172 18.25 -25.40 -2.69
C LEU B 172 18.51 -24.95 -1.26
N SER B 173 19.81 -24.88 -0.90
CA SER B 173 20.25 -24.22 0.32
C SER B 173 21.30 -23.18 -0.05
N CYS B 174 21.46 -22.16 0.80
CA CYS B 174 22.42 -21.10 0.53
C CYS B 174 23.43 -20.98 1.66
N HIS B 175 24.55 -20.34 1.32
CA HIS B 175 25.57 -19.92 2.26
C HIS B 175 25.24 -18.52 2.79
N TYR B 176 25.31 -18.35 4.11
CA TYR B 176 25.05 -17.07 4.76
C TYR B 176 26.30 -16.68 5.53
N ASP B 177 26.79 -15.44 5.33
CA ASP B 177 28.17 -15.08 5.65
C ASP B 177 28.21 -13.60 6.05
N ILE B 178 28.27 -13.31 7.36
CA ILE B 178 28.22 -11.91 7.80
C ILE B 178 29.47 -11.17 7.34
N MET B 179 30.63 -11.84 7.33
CA MET B 179 31.85 -11.12 6.93
C MET B 179 31.82 -10.74 5.45
N ALA B 180 31.22 -11.59 4.61
CA ALA B 180 31.08 -11.23 3.20
C ALA B 180 30.13 -10.05 3.02
N SER B 181 29.00 -10.04 3.72
CA SER B 181 28.08 -8.92 3.54
C SER B 181 28.66 -7.61 4.08
N ARG B 182 29.43 -7.68 5.17
CA ARG B 182 30.10 -6.48 5.66
C ARG B 182 31.11 -5.96 4.65
N ALA B 183 31.90 -6.85 4.05
CA ALA B 183 32.88 -6.44 3.06
C ALA B 183 32.20 -5.83 1.84
N ALA B 184 31.04 -6.37 1.45
CA ALA B 184 30.30 -5.79 0.34
C ALA B 184 29.86 -4.37 0.66
N ALA B 185 29.65 -4.07 1.94
CA ALA B 185 29.33 -2.71 2.37
C ALA B 185 30.59 -1.89 2.68
N GLY B 186 31.78 -2.44 2.50
CA GLY B 186 33.00 -1.69 2.68
C GLY B 186 33.65 -1.82 4.05
N PHE B 187 33.22 -2.79 4.87
CA PHE B 187 33.77 -3.02 6.19
C PHE B 187 34.58 -4.31 6.16
N TYR B 188 35.88 -4.20 6.45
CA TYR B 188 36.79 -5.33 6.37
C TYR B 188 37.51 -5.61 7.68
N ASP B 189 37.25 -4.84 8.73
CA ASP B 189 37.96 -4.96 10.00
C ASP B 189 37.16 -5.85 10.94
N ALA B 190 37.74 -6.99 11.29
CA ALA B 190 37.15 -7.89 12.28
C ALA B 190 38.27 -8.75 12.81
N SER B 191 38.26 -9.00 14.12
CA SER B 191 39.29 -9.88 14.68
C SER B 191 39.17 -11.27 14.07
N ASP B 192 40.32 -11.95 13.96
CA ASP B 192 40.30 -13.33 13.49
C ASP B 192 39.40 -14.20 14.35
N GLU B 193 39.25 -13.83 15.63
CA GLU B 193 38.33 -14.53 16.52
C GLU B 193 36.87 -14.28 16.14
N GLU B 194 36.51 -13.03 15.85
CA GLU B 194 35.13 -12.75 15.44
C GLU B 194 34.79 -13.48 14.16
N ARG B 195 35.75 -13.57 13.25
CA ARG B 195 35.53 -14.32 12.02
C ARG B 195 35.23 -15.77 12.33
N LYS B 196 35.94 -16.35 13.31
CA LYS B 196 35.68 -17.73 13.69
C LYS B 196 34.34 -17.84 14.42
N ALA B 197 34.04 -16.92 15.32
CA ALA B 197 32.78 -16.97 16.05
C ALA B 197 31.57 -16.85 15.13
N LEU B 198 31.71 -16.14 14.01
CA LEU B 198 30.59 -15.90 13.09
C LEU B 198 30.83 -16.57 11.75
N ALA B 199 31.40 -17.77 11.76
CA ALA B 199 31.70 -18.46 10.53
C ALA B 199 30.42 -18.65 9.70
N PRO B 200 30.54 -18.69 8.37
CA PRO B 200 29.35 -18.85 7.53
C PRO B 200 28.57 -20.12 7.88
N CYS B 201 27.26 -20.08 7.65
CA CYS B 201 26.39 -21.22 7.92
C CYS B 201 25.51 -21.45 6.71
N ILE B 202 24.61 -22.43 6.80
CA ILE B 202 23.80 -22.84 5.67
C ILE B 202 22.35 -22.89 6.12
N HIS B 203 21.46 -22.38 5.28
CA HIS B 203 20.03 -22.48 5.52
C HIS B 203 19.34 -22.87 4.23
N GLU B 204 18.20 -23.57 4.37
CA GLU B 204 17.38 -23.88 3.20
C GLU B 204 16.77 -22.61 2.62
N LEU B 205 16.72 -22.55 1.28
CA LEU B 205 16.24 -21.35 0.60
C LEU B 205 14.72 -21.24 0.61
N VAL B 206 14.02 -22.36 0.54
CA VAL B 206 12.56 -22.33 0.57
C VAL B 206 12.15 -22.70 1.99
N ARG B 207 11.59 -21.74 2.71
CA ARG B 207 11.16 -21.93 4.09
C ARG B 207 9.68 -22.29 4.17
N THR B 208 9.30 -22.95 5.26
CA THR B 208 7.90 -23.19 5.55
C THR B 208 7.62 -22.65 6.94
N HIS B 209 6.69 -21.71 7.03
CA HIS B 209 6.45 -21.03 8.28
C HIS B 209 5.74 -21.95 9.27
N PRO B 210 6.20 -21.99 10.53
CA PRO B 210 5.60 -22.91 11.51
C PRO B 210 4.21 -22.50 11.99
N ILE B 211 3.82 -21.24 11.89
CA ILE B 211 2.47 -20.82 12.32
C ILE B 211 1.47 -20.96 11.19
N SER B 212 1.81 -20.43 10.03
CA SER B 212 0.88 -20.31 8.91
C SER B 212 1.02 -21.41 7.86
N GLY B 213 2.13 -22.14 7.84
CA GLY B 213 2.39 -23.06 6.75
C GLY B 213 2.83 -22.42 5.44
N ARG B 214 2.96 -21.09 5.40
CA ARG B 214 3.34 -20.39 4.17
C ARG B 214 4.78 -20.71 3.78
N LYS B 215 5.00 -20.95 2.48
CA LYS B 215 6.35 -21.04 1.95
C LYS B 215 6.90 -19.65 1.64
N SER B 216 8.23 -19.51 1.72
CA SER B 216 8.86 -18.21 1.48
C SER B 216 10.32 -18.41 1.08
N LEU B 217 10.90 -17.37 0.46
CA LEU B 217 12.31 -17.38 0.09
C LEU B 217 13.12 -16.79 1.24
N TYR B 218 14.20 -17.50 1.62
CA TYR B 218 15.08 -17.01 2.69
C TYR B 218 16.16 -16.12 2.07
N LEU B 219 15.74 -14.95 1.58
CA LEU B 219 16.69 -13.97 1.04
C LEU B 219 17.26 -13.10 2.14
N SER B 220 18.48 -12.62 1.91
CA SER B 220 19.16 -11.71 2.82
C SER B 220 20.46 -11.26 2.16
N SER B 221 20.87 -10.03 2.46
CA SER B 221 22.20 -9.59 2.05
C SER B 221 23.29 -10.51 2.60
N HIS B 222 23.01 -11.24 3.68
CA HIS B 222 23.98 -12.18 4.22
C HIS B 222 24.18 -13.40 3.32
N ALA B 223 23.19 -13.73 2.48
CA ALA B 223 23.30 -14.89 1.61
C ALA B 223 24.22 -14.59 0.43
N THR B 224 25.25 -15.44 0.23
CA THR B 224 26.23 -15.17 -0.83
C THR B 224 26.03 -16.01 -2.08
N HIS B 225 25.87 -17.32 -1.96
CA HIS B 225 25.73 -18.19 -3.13
C HIS B 225 25.07 -19.50 -2.69
N VAL B 226 24.93 -20.44 -3.63
CA VAL B 226 24.11 -21.62 -3.45
C VAL B 226 25.00 -22.84 -3.15
N VAL B 227 24.62 -23.60 -2.12
CA VAL B 227 25.32 -24.86 -1.80
C VAL B 227 25.17 -25.84 -2.95
N GLY B 228 26.25 -26.56 -3.27
CA GLY B 228 26.19 -27.57 -4.30
C GLY B 228 26.25 -27.07 -5.73
N TRP B 229 26.39 -25.76 -5.94
CA TRP B 229 26.56 -25.12 -7.23
C TRP B 229 27.90 -24.42 -7.32
N PRO B 230 28.44 -24.24 -8.53
CA PRO B 230 29.53 -23.27 -8.71
C PRO B 230 29.08 -21.90 -8.23
N GLU B 231 30.03 -21.13 -7.70
CA GLU B 231 29.66 -19.87 -7.06
C GLU B 231 29.02 -18.86 -8.01
N PRO B 232 29.52 -18.64 -9.24
CA PRO B 232 28.92 -17.57 -10.06
C PRO B 232 27.45 -17.81 -10.37
N GLU B 233 27.07 -19.06 -10.69
CA GLU B 233 25.67 -19.35 -10.97
C GLU B 233 24.80 -19.11 -9.74
N GLY B 234 25.33 -19.43 -8.56
CA GLY B 234 24.59 -19.18 -7.33
C GLY B 234 24.43 -17.70 -7.03
N ARG B 235 25.52 -16.92 -7.19
CA ARG B 235 25.38 -15.47 -7.00
C ARG B 235 24.38 -14.88 -7.97
N ASP B 236 24.35 -15.37 -9.22
CA ASP B 236 23.45 -14.78 -10.18
C ASP B 236 21.99 -15.13 -9.86
N LEU B 237 21.74 -16.36 -9.37
CA LEU B 237 20.37 -16.68 -8.95
C LEU B 237 19.94 -15.78 -7.81
N LEU B 238 20.80 -15.60 -6.80
CA LEU B 238 20.45 -14.72 -5.69
C LEU B 238 20.26 -13.29 -6.16
N ARG B 239 21.04 -12.84 -7.15
CA ARG B 239 20.83 -11.51 -7.71
C ARG B 239 19.44 -11.38 -8.31
N GLU B 240 19.04 -12.36 -9.12
CA GLU B 240 17.75 -12.33 -9.78
C GLU B 240 16.61 -12.39 -8.76
N LEU B 241 16.71 -13.31 -7.78
CA LEU B 241 15.66 -13.46 -6.78
C LEU B 241 15.52 -12.22 -5.93
N THR B 242 16.63 -11.61 -5.52
CA THR B 242 16.56 -10.44 -4.67
C THR B 242 15.94 -9.25 -5.40
N GLU B 243 16.27 -9.06 -6.67
CA GLU B 243 15.65 -8.00 -7.44
C GLU B 243 14.15 -8.24 -7.57
N PHE B 244 13.77 -9.47 -7.91
CA PHE B 244 12.35 -9.79 -8.04
C PHE B 244 11.61 -9.58 -6.73
N ALA B 245 12.16 -10.07 -5.63
CA ALA B 245 11.48 -10.10 -4.34
C ALA B 245 11.39 -8.74 -3.67
N THR B 246 12.11 -7.73 -4.14
CA THR B 246 12.01 -6.40 -3.58
C THR B 246 11.32 -5.41 -4.52
N GLN B 247 10.63 -5.89 -5.55
CA GLN B 247 9.79 -5.01 -6.37
C GLN B 247 8.67 -4.42 -5.51
N PRO B 248 8.13 -3.26 -5.90
CA PRO B 248 7.18 -2.57 -4.99
C PRO B 248 5.97 -3.41 -4.58
N GLN B 249 5.49 -4.33 -5.43
CA GLN B 249 4.33 -5.14 -5.05
C GLN B 249 4.60 -6.08 -3.87
N PHE B 250 5.86 -6.25 -3.46
CA PHE B 250 6.19 -7.10 -2.32
C PHE B 250 6.63 -6.29 -1.10
N VAL B 251 6.54 -4.95 -1.14
CA VAL B 251 7.16 -4.09 -0.14
C VAL B 251 6.12 -3.23 0.57
N TYR B 252 6.25 -3.15 1.89
CA TYR B 252 5.54 -2.19 2.71
C TYR B 252 6.55 -1.24 3.35
N SER B 253 6.38 0.05 3.14
CA SER B 253 7.26 1.06 3.73
C SER B 253 6.54 1.70 4.92
N HIS B 254 7.12 1.55 6.09
CA HIS B 254 6.48 2.06 7.30
C HIS B 254 6.93 3.49 7.59
N GLU B 255 5.97 4.42 7.53
CA GLU B 255 6.17 5.79 7.99
C GLU B 255 5.96 5.81 9.51
N TRP B 256 7.03 6.09 10.23
CA TRP B 256 7.04 5.99 11.68
C TRP B 256 6.23 7.11 12.35
N SER B 257 5.59 6.76 13.46
CA SER B 257 5.02 7.72 14.39
C SER B 257 5.72 7.52 15.73
N VAL B 258 5.73 8.55 16.57
CA VAL B 258 6.40 8.46 17.86
C VAL B 258 5.79 7.32 18.67
N ARG B 259 6.64 6.47 19.22
CA ARG B 259 6.26 5.36 20.11
C ARG B 259 5.43 4.28 19.39
N ASP B 260 5.58 4.17 18.07
CA ASP B 260 5.18 2.95 17.38
C ASP B 260 6.05 1.81 17.91
N LEU B 261 5.46 0.71 18.29
CA LEU B 261 6.18 -0.53 18.53
CA LEU B 261 6.19 -0.53 18.54
C LEU B 261 5.96 -1.42 17.33
N VAL B 262 7.00 -1.60 16.51
CA VAL B 262 6.87 -2.41 15.30
C VAL B 262 7.52 -3.75 15.58
N MET B 263 6.74 -4.82 15.43
CA MET B 263 7.17 -6.20 15.66
C MET B 263 7.10 -6.93 14.32
N TRP B 264 8.22 -7.52 13.87
CA TRP B 264 8.21 -8.17 12.58
C TRP B 264 8.85 -9.54 12.65
N ASP B 265 8.33 -10.45 11.81
CA ASP B 265 8.72 -11.85 11.79
C ASP B 265 9.80 -12.04 10.73
N ASN B 266 11.06 -12.18 11.16
CA ASN B 266 12.15 -12.38 10.21
C ASN B 266 12.02 -13.67 9.40
N ARG B 267 11.22 -14.62 9.86
CA ARG B 267 11.05 -15.89 9.13
C ARG B 267 10.30 -15.73 7.83
N ALA B 268 9.68 -14.56 7.57
CA ALA B 268 8.86 -14.36 6.39
C ALA B 268 9.23 -13.10 5.62
N LEU B 269 10.30 -12.40 6.02
CA LEU B 269 10.56 -11.06 5.53
C LEU B 269 12.03 -10.80 5.31
N MET B 270 12.28 -9.74 4.54
CA MET B 270 13.50 -8.96 4.62
C MET B 270 13.09 -7.55 5.02
N HIS B 271 14.04 -6.79 5.54
CA HIS B 271 13.74 -5.40 5.86
C HIS B 271 15.01 -4.58 5.68
N ARG B 272 14.84 -3.27 5.66
CA ARG B 272 15.96 -2.36 5.56
C ARG B 272 15.54 -1.03 6.16
N GLY B 273 16.51 -0.27 6.65
CA GLY B 273 16.26 1.10 7.06
C GLY B 273 16.55 2.06 5.91
N ARG B 274 15.84 3.17 5.91
CA ARG B 274 16.07 4.20 4.91
C ARG B 274 16.78 5.38 5.55
N PRO B 275 17.65 6.07 4.81
CA PRO B 275 18.29 7.27 5.37
C PRO B 275 17.25 8.31 5.75
N HIS B 276 17.55 9.07 6.80
CA HIS B 276 16.75 10.26 7.10
C HIS B 276 17.57 11.49 6.74
N ILE B 277 16.87 12.58 6.41
CA ILE B 277 17.47 13.76 5.80
C ILE B 277 17.09 14.98 6.63
N PRO B 278 18.05 15.74 7.19
CA PRO B 278 19.47 15.38 7.12
C PRO B 278 19.83 14.31 8.13
N GLU B 279 20.91 13.57 7.85
CA GLU B 279 21.34 12.49 8.72
C GLU B 279 21.72 12.98 10.12
N THR B 280 21.98 14.27 10.30
CA THR B 280 22.36 14.80 11.61
C THR B 280 21.18 14.92 12.55
N ASP B 281 19.96 14.89 12.04
CA ASP B 281 18.78 14.91 12.90
C ASP B 281 18.79 13.70 13.82
N VAL B 282 18.22 13.87 15.01
CA VAL B 282 18.21 12.82 16.02
C VAL B 282 17.16 11.78 15.64
N ARG B 283 17.52 10.52 15.81
CA ARG B 283 16.62 9.39 15.59
C ARG B 283 16.94 8.37 16.67
N GLU B 284 16.00 8.11 17.57
CA GLU B 284 16.22 7.18 18.67
C GLU B 284 15.20 6.05 18.60
N MET B 285 15.69 4.82 18.48
CA MET B 285 14.87 3.61 18.43
C MET B 285 15.41 2.63 19.45
N HIS B 286 14.54 2.00 20.23
CA HIS B 286 14.97 0.94 21.14
C HIS B 286 14.56 -0.41 20.56
N ARG B 287 15.47 -1.37 20.64
CA ARG B 287 15.36 -2.62 19.92
C ARG B 287 15.39 -3.81 20.87
N ALA B 288 14.70 -4.89 20.48
CA ALA B 288 14.81 -6.19 21.14
C ALA B 288 14.65 -7.28 20.08
N THR B 289 15.32 -8.42 20.31
CA THR B 289 15.31 -9.49 19.30
C THR B 289 15.16 -10.84 19.98
N THR B 290 14.30 -11.69 19.41
CA THR B 290 14.13 -13.06 19.87
C THR B 290 14.74 -14.01 18.85
N LEU B 291 15.17 -15.18 19.32
CA LEU B 291 15.80 -16.18 18.47
C LEU B 291 14.82 -17.29 18.13
N ASP B 292 14.98 -17.85 16.92
CA ASP B 292 14.03 -18.83 16.39
C ASP B 292 14.35 -20.25 16.84
N ASP B 293 14.36 -20.45 18.16
CA ASP B 293 14.60 -21.76 18.78
C ASP B 293 13.30 -22.55 18.79
N ARG B 294 13.17 -23.51 17.87
CA ARG B 294 11.92 -24.26 17.76
C ARG B 294 11.67 -25.22 18.93
N THR B 295 12.64 -25.41 19.84
CA THR B 295 12.40 -26.22 21.05
C THR B 295 11.92 -25.37 22.22
N TRP B 296 11.95 -24.05 22.11
CA TRP B 296 11.56 -23.16 23.19
C TRP B 296 10.04 -23.12 23.36
N THR B 297 9.62 -23.01 24.62
CA THR B 297 8.22 -22.83 24.97
C THR B 297 8.14 -21.73 26.01
N ARG B 298 7.00 -21.03 26.06
CA ARG B 298 6.82 -20.00 27.08
C ARG B 298 6.96 -20.56 28.48
N GLY B 299 6.66 -21.84 28.69
CA GLY B 299 6.91 -22.48 29.96
C GLY B 299 8.30 -23.09 30.07
N SER C 10 15.68 15.24 -42.49
CA SER C 10 16.05 14.20 -43.44
C SER C 10 15.98 12.82 -42.79
N LEU C 11 16.61 12.69 -41.62
CA LEU C 11 16.62 11.42 -40.91
C LEU C 11 15.22 11.05 -40.45
N ASN C 12 14.82 9.80 -40.70
CA ASN C 12 13.50 9.30 -40.33
C ASN C 12 13.57 8.71 -38.93
N VAL C 13 13.30 9.55 -37.93
CA VAL C 13 13.42 9.20 -36.52
C VAL C 13 12.04 8.87 -36.00
N GLU C 14 11.89 7.71 -35.35
CA GLU C 14 10.63 7.30 -34.74
C GLU C 14 10.89 6.88 -33.30
N ALA C 15 10.39 7.66 -32.35
CA ALA C 15 10.63 7.38 -30.94
C ALA C 15 10.07 6.02 -30.55
N ALA C 16 10.88 5.24 -29.83
CA ALA C 16 10.41 4.04 -29.15
C ALA C 16 10.10 4.29 -27.69
N HIS C 17 10.54 5.43 -27.17
CA HIS C 17 10.39 5.87 -25.80
C HIS C 17 10.43 7.38 -25.85
N PRO C 18 9.69 8.08 -24.98
CA PRO C 18 9.66 9.55 -25.10
C PRO C 18 11.02 10.21 -25.05
N PHE C 19 12.01 9.63 -24.37
CA PHE C 19 13.28 10.32 -24.30
C PHE C 19 14.53 9.42 -24.27
N ILE C 20 14.39 8.10 -24.20
CA ILE C 20 15.56 7.23 -24.13
C ILE C 20 15.95 6.68 -25.48
N ALA C 21 14.97 6.25 -26.29
CA ALA C 21 15.28 5.42 -27.45
C ALA C 21 14.44 5.81 -28.66
N ALA C 22 15.02 5.62 -29.85
CA ALA C 22 14.35 5.88 -31.10
C ALA C 22 14.84 4.92 -32.18
N ARG C 23 13.95 4.58 -33.10
CA ARG C 23 14.31 3.88 -34.31
C ARG C 23 14.66 4.87 -35.41
N ILE C 24 15.62 4.49 -36.25
CA ILE C 24 15.99 5.25 -37.43
C ILE C 24 15.79 4.33 -38.63
N HIS C 25 14.80 4.65 -39.45
CA HIS C 25 14.42 3.82 -40.59
C HIS C 25 15.09 4.29 -41.87
N GLY C 26 15.10 3.41 -42.87
CA GLY C 26 15.45 3.79 -44.23
C GLY C 26 16.93 3.93 -44.52
N LEU C 27 17.81 3.46 -43.64
CA LEU C 27 19.24 3.53 -43.88
C LEU C 27 19.77 2.17 -44.33
N ASP C 28 20.69 2.19 -45.29
CA ASP C 28 21.39 1.00 -45.75
C ASP C 28 22.80 1.06 -45.21
N LEU C 29 23.04 0.35 -44.12
CA LEU C 29 24.34 0.38 -43.44
C LEU C 29 25.36 -0.59 -44.04
N SER C 30 25.04 -1.26 -45.14
CA SER C 30 26.03 -2.05 -45.85
C SER C 30 27.00 -1.18 -46.65
N LYS C 31 26.64 0.08 -46.87
CA LYS C 31 27.46 1.05 -47.57
C LYS C 31 27.89 2.18 -46.63
N PRO C 32 29.04 2.79 -46.85
CA PRO C 32 29.48 3.89 -45.98
C PRO C 32 28.51 5.07 -46.03
N LEU C 33 28.31 5.70 -44.87
CA LEU C 33 27.42 6.85 -44.76
C LEU C 33 28.16 8.15 -45.04
N SER C 34 27.43 9.13 -45.56
CA SER C 34 28.02 10.44 -45.77
C SER C 34 28.33 11.09 -44.43
N ASP C 35 29.23 12.08 -44.47
CA ASP C 35 29.61 12.80 -43.25
C ASP C 35 28.41 13.52 -42.64
N GLU C 36 27.58 14.15 -43.47
CA GLU C 36 26.38 14.82 -42.95
C GLU C 36 25.45 13.83 -42.26
N ARG C 37 25.32 12.62 -42.82
CA ARG C 37 24.45 11.62 -42.21
C ARG C 37 24.99 11.16 -40.87
N ILE C 38 26.30 10.99 -40.75
CA ILE C 38 26.89 10.59 -39.48
C ILE C 38 26.67 11.67 -38.43
N VAL C 39 26.81 12.94 -38.82
CA VAL C 39 26.52 14.04 -37.90
C VAL C 39 25.07 13.96 -37.44
N GLU C 40 24.16 13.64 -38.37
CA GLU C 40 22.74 13.57 -38.03
C GLU C 40 22.47 12.51 -36.97
N ILE C 41 23.08 11.33 -37.13
CA ILE C 41 22.92 10.26 -36.14
C ILE C 41 23.47 10.70 -34.79
N GLU C 42 24.66 11.31 -34.79
CA GLU C 42 25.23 11.85 -33.56
C GLU C 42 24.26 12.81 -32.88
N GLN C 43 23.69 13.73 -33.67
CA GLN C 43 22.73 14.67 -33.10
C GLN C 43 21.50 13.95 -32.54
N ALA C 44 20.97 12.97 -33.28
CA ALA C 44 19.81 12.23 -32.78
C ALA C 44 20.14 11.49 -31.48
N SER C 45 21.35 10.93 -31.37
CA SER C 45 21.76 10.26 -30.14
C SER C 45 21.83 11.24 -28.98
N GLY C 46 22.11 12.52 -29.27
CA GLY C 46 22.07 13.52 -28.22
C GLY C 46 20.70 13.62 -27.56
N GLN C 47 19.64 13.42 -28.33
CA GLN C 47 18.30 13.36 -27.76
C GLN C 47 18.00 11.97 -27.23
N TYR C 48 18.10 10.96 -28.10
CA TYR C 48 17.82 9.56 -27.75
C TYR C 48 19.14 8.80 -27.71
N PRO C 49 19.70 8.54 -26.52
CA PRO C 49 20.99 7.84 -26.46
C PRO C 49 20.94 6.39 -26.91
N VAL C 50 19.76 5.82 -27.13
CA VAL C 50 19.62 4.48 -27.70
C VAL C 50 19.01 4.64 -29.09
N LEU C 51 19.75 4.23 -30.11
CA LEU C 51 19.25 4.30 -31.48
C LEU C 51 19.16 2.89 -32.05
N ILE C 52 18.02 2.58 -32.69
CA ILE C 52 17.72 1.26 -33.21
C ILE C 52 17.58 1.35 -34.72
N PHE C 53 18.41 0.61 -35.43
CA PHE C 53 18.34 0.54 -36.89
C PHE C 53 17.78 -0.82 -37.28
N PRO C 54 16.51 -0.90 -37.68
CA PRO C 54 15.90 -2.22 -37.93
C PRO C 54 16.47 -2.88 -39.17
N ARG C 55 16.52 -4.22 -39.12
CA ARG C 55 16.69 -5.06 -40.32
C ARG C 55 17.97 -4.73 -41.09
N GLN C 56 19.08 -4.68 -40.37
CA GLN C 56 20.39 -4.45 -40.98
C GLN C 56 21.04 -5.81 -41.25
N TYR C 57 20.89 -6.31 -42.48
CA TYR C 57 21.50 -7.56 -42.89
C TYR C 57 22.91 -7.29 -43.43
N ILE C 58 23.80 -6.96 -42.48
CA ILE C 58 25.18 -6.57 -42.78
C ILE C 58 26.13 -7.56 -42.11
N ASP C 59 27.30 -7.75 -42.74
CA ASP C 59 28.28 -8.65 -42.17
C ASP C 59 29.14 -7.91 -41.15
N ASP C 60 30.09 -8.63 -40.55
CA ASP C 60 30.86 -8.05 -39.45
C ASP C 60 31.72 -6.89 -39.93
N ASP C 61 32.32 -7.01 -41.12
CA ASP C 61 33.11 -5.90 -41.65
C ASP C 61 32.28 -4.63 -41.79
N GLN C 62 31.05 -4.77 -42.28
CA GLN C 62 30.21 -3.59 -42.45
C GLN C 62 29.78 -3.03 -41.10
N LEU C 63 29.51 -3.90 -40.13
CA LEU C 63 29.18 -3.43 -38.78
C LEU C 63 30.33 -2.63 -38.17
N LEU C 64 31.56 -3.16 -38.28
CA LEU C 64 32.72 -2.45 -37.77
C LEU C 64 32.93 -1.13 -38.51
N ALA C 65 32.75 -1.14 -39.84
CA ALA C 65 32.92 0.08 -40.61
C ALA C 65 31.89 1.13 -40.25
N PHE C 66 30.65 0.70 -39.98
CA PHE C 66 29.64 1.64 -39.50
C PHE C 66 30.03 2.23 -38.15
N ALA C 67 30.39 1.36 -37.19
CA ALA C 67 30.77 1.84 -35.87
C ALA C 67 31.94 2.82 -35.96
N ALA C 68 32.90 2.53 -36.84
CA ALA C 68 34.11 3.34 -36.91
C ALA C 68 33.84 4.78 -37.32
N GLY C 69 32.65 5.08 -37.84
CA GLY C 69 32.34 6.46 -38.16
C GLY C 69 32.09 7.33 -36.94
N PHE C 70 31.94 6.73 -35.76
CA PHE C 70 31.60 7.48 -34.56
C PHE C 70 32.71 7.53 -33.52
N GLY C 71 33.81 6.80 -33.76
CA GLY C 71 34.94 6.84 -32.86
C GLY C 71 35.94 5.76 -33.19
N PRO C 72 37.09 5.75 -32.52
CA PRO C 72 38.06 4.68 -32.75
C PRO C 72 37.56 3.37 -32.17
N LEU C 73 37.78 2.28 -32.91
CA LEU C 73 37.30 0.97 -32.49
C LEU C 73 38.13 0.45 -31.33
N GLN C 74 37.46 -0.27 -30.42
CA GLN C 74 38.17 -0.92 -29.33
C GLN C 74 38.84 -2.20 -29.85
N VAL C 75 40.10 -2.41 -29.46
CA VAL C 75 40.86 -3.60 -29.81
C VAL C 75 40.90 -4.53 -28.62
N ALA C 76 40.71 -5.82 -28.87
CA ALA C 76 40.74 -6.82 -27.79
C ALA C 76 42.19 -7.21 -27.47
N VAL C 77 42.40 -7.58 -26.21
CA VAL C 77 43.73 -7.98 -25.75
C VAL C 77 43.65 -9.33 -25.05
N ASP C 109 35.40 -19.44 -23.90
CA ASP C 109 36.38 -19.51 -22.81
C ASP C 109 35.96 -18.61 -21.66
N ARG C 110 35.72 -17.34 -21.97
CA ARG C 110 35.25 -16.34 -21.00
C ARG C 110 33.80 -15.95 -21.24
N ARG C 111 33.09 -16.68 -22.10
CA ARG C 111 31.68 -16.38 -22.37
C ARG C 111 30.84 -16.51 -21.10
N ARG C 112 31.13 -17.52 -20.28
CA ARG C 112 30.38 -17.68 -19.04
C ARG C 112 30.48 -16.43 -18.16
N MET C 113 31.68 -15.90 -17.99
CA MET C 113 31.85 -14.73 -17.14
C MET C 113 31.15 -13.51 -17.74
N ASN C 114 31.36 -13.27 -19.05
CA ASN C 114 30.76 -12.11 -19.69
C ASN C 114 29.24 -12.18 -19.64
N ASN C 115 28.67 -13.38 -19.80
CA ASN C 115 27.22 -13.55 -19.77
C ASN C 115 26.66 -13.17 -18.39
N LEU C 116 27.32 -13.61 -17.32
CA LEU C 116 26.80 -13.34 -15.98
C LEU C 116 27.04 -11.88 -15.57
N THR C 117 28.23 -11.33 -15.84
CA THR C 117 28.46 -9.94 -15.46
C THR C 117 27.59 -8.97 -16.26
N SER C 118 27.22 -9.35 -17.50
CA SER C 118 26.42 -8.45 -18.33
C SER C 118 24.99 -8.33 -17.83
N ARG C 119 24.57 -9.18 -16.88
CA ARG C 119 23.25 -9.08 -16.28
C ARG C 119 23.18 -8.00 -15.22
N ARG C 120 24.31 -7.42 -14.83
CA ARG C 120 24.35 -6.31 -13.90
CA ARG C 120 24.35 -6.31 -13.89
C ARG C 120 24.43 -4.99 -14.67
N TRP C 121 23.80 -3.96 -14.12
CA TRP C 121 23.80 -2.64 -14.76
C TRP C 121 25.22 -2.08 -14.84
N HIS C 122 25.64 -1.67 -16.04
CA HIS C 122 26.98 -1.13 -16.18
C HIS C 122 27.06 -0.18 -17.37
N SER C 123 28.17 0.56 -17.44
CA SER C 123 28.53 1.36 -18.60
C SER C 123 29.84 0.85 -19.17
N ASP C 124 29.84 0.53 -20.46
CA ASP C 124 30.94 -0.22 -21.08
C ASP C 124 32.31 0.41 -20.87
N ALA C 125 33.25 -0.43 -20.42
CA ALA C 125 34.67 -0.09 -20.25
C ALA C 125 34.87 1.10 -19.34
N SER C 126 33.92 1.38 -18.44
CA SER C 126 34.11 2.45 -17.45
C SER C 126 35.27 2.14 -16.52
N TYR C 127 35.70 0.89 -16.43
CA TYR C 127 36.85 0.50 -15.62
C TYR C 127 38.19 0.85 -16.27
N LEU C 128 38.17 1.42 -17.53
CA LEU C 128 39.38 1.82 -18.24
C LEU C 128 39.55 3.33 -18.17
N PRO C 129 40.79 3.83 -18.18
CA PRO C 129 40.99 5.29 -18.25
C PRO C 129 40.34 5.91 -19.48
N LEU C 130 40.21 5.15 -20.56
CA LEU C 130 39.55 5.59 -21.79
C LEU C 130 38.34 4.68 -22.02
N PRO C 131 37.17 5.06 -21.54
CA PRO C 131 35.99 4.20 -21.63
C PRO C 131 35.36 4.21 -23.02
N ALA C 132 34.24 3.49 -23.13
CA ALA C 132 33.53 3.37 -24.39
C ALA C 132 32.75 4.64 -24.70
N ARG C 133 32.60 4.91 -26.00
CA ARG C 133 31.67 5.93 -26.45
C ARG C 133 30.37 5.24 -26.82
N TYR C 134 30.20 4.87 -28.09
CA TYR C 134 29.05 4.09 -28.52
C TYR C 134 29.35 2.60 -28.54
N SER C 135 28.39 1.80 -28.10
CA SER C 135 28.41 0.36 -28.28
C SER C 135 27.33 -0.03 -29.29
N PHE C 136 27.56 -1.13 -29.99
CA PHE C 136 26.69 -1.60 -31.06
C PHE C 136 26.42 -3.09 -30.86
N LEU C 137 25.17 -3.49 -31.04
CA LEU C 137 24.75 -4.88 -30.92
C LEU C 137 23.82 -5.20 -32.08
N LEU C 138 24.20 -6.20 -32.89
CA LEU C 138 23.41 -6.62 -34.04
C LEU C 138 22.91 -8.04 -33.81
N SER C 139 21.59 -8.19 -33.76
CA SER C 139 21.01 -9.48 -33.38
CA SER C 139 21.01 -9.48 -33.38
C SER C 139 20.91 -10.41 -34.59
N TYR C 140 21.26 -11.67 -34.38
CA TYR C 140 21.11 -12.70 -35.39
C TYR C 140 19.97 -13.68 -35.08
N ILE C 141 19.91 -14.16 -33.84
CA ILE C 141 18.94 -15.16 -33.40
C ILE C 141 18.36 -14.67 -32.07
N VAL C 142 17.05 -14.52 -31.98
CA VAL C 142 16.37 -13.91 -30.84
C VAL C 142 15.59 -14.98 -30.09
N PRO C 143 15.84 -15.16 -28.78
CA PRO C 143 15.06 -16.14 -28.02
C PRO C 143 13.63 -15.68 -27.80
N ALA C 144 12.75 -16.67 -27.60
CA ALA C 144 11.33 -16.38 -27.51
C ALA C 144 10.98 -15.67 -26.21
N VAL C 145 11.65 -16.01 -25.11
CA VAL C 145 11.31 -15.50 -23.79
C VAL C 145 12.56 -14.89 -23.15
N GLY C 146 12.44 -13.65 -22.71
CA GLY C 146 13.55 -12.99 -22.04
C GLY C 146 14.57 -12.50 -23.06
N GLY C 147 15.78 -12.25 -22.57
CA GLY C 147 16.84 -11.79 -23.45
C GLY C 147 16.75 -10.35 -23.88
N GLN C 148 15.95 -9.54 -23.20
CA GLN C 148 15.92 -8.12 -23.52
C GLN C 148 17.25 -7.48 -23.15
N THR C 149 17.54 -6.35 -23.80
CA THR C 149 18.59 -5.45 -23.35
C THR C 149 17.91 -4.19 -22.80
N GLN C 150 18.24 -3.83 -21.56
CA GLN C 150 17.59 -2.72 -20.87
C GLN C 150 18.56 -1.55 -20.69
N PHE C 151 18.00 -0.34 -20.75
CA PHE C 151 18.81 0.88 -20.72
C PHE C 151 18.25 1.84 -19.70
N ALA C 152 19.13 2.37 -18.83
CA ALA C 152 18.75 3.32 -17.79
C ALA C 152 19.34 4.68 -18.11
N ASP C 153 18.49 5.70 -18.15
CA ASP C 153 18.89 7.04 -18.57
C ASP C 153 19.52 7.75 -17.37
N MET C 154 20.85 7.88 -17.40
CA MET C 154 21.54 8.56 -16.30
C MET C 154 21.35 10.08 -16.32
N ARG C 155 20.95 10.66 -17.46
CA ARG C 155 20.62 12.08 -17.51
C ARG C 155 19.32 12.35 -16.77
N ALA C 156 18.28 11.58 -17.10
CA ALA C 156 17.00 11.72 -16.42
C ALA C 156 17.13 11.47 -14.94
N ALA C 157 17.94 10.48 -14.56
CA ALA C 157 18.15 10.17 -13.15
C ALA C 157 18.80 11.35 -12.45
N TYR C 158 19.81 11.97 -13.07
CA TYR C 158 20.44 13.15 -12.49
C TYR C 158 19.43 14.27 -12.30
N ASP C 159 18.61 14.51 -13.34
CA ASP C 159 17.65 15.61 -13.31
C ASP C 159 16.67 15.46 -12.16
N LYS C 160 16.30 14.24 -11.78
CA LYS C 160 15.26 14.01 -10.78
C LYS C 160 15.80 13.79 -9.38
N LEU C 161 17.12 13.90 -9.18
CA LEU C 161 17.71 13.65 -7.86
C LEU C 161 17.11 14.57 -6.81
N PRO C 162 16.82 14.07 -5.60
CA PRO C 162 16.49 14.96 -4.48
C PRO C 162 17.62 15.96 -4.23
N ASP C 163 17.25 17.14 -3.70
CA ASP C 163 18.22 18.22 -3.56
C ASP C 163 19.47 17.79 -2.81
N HIS C 164 19.32 17.08 -1.69
CA HIS C 164 20.49 16.73 -0.90
C HIS C 164 21.45 15.82 -1.66
N LEU C 165 20.92 14.93 -2.50
CA LEU C 165 21.78 14.08 -3.33
C LEU C 165 22.44 14.87 -4.46
N ARG C 166 21.70 15.76 -5.10
CA ARG C 166 22.29 16.66 -6.09
C ARG C 166 23.48 17.43 -5.52
N LYS C 167 23.33 17.95 -4.29
CA LYS C 167 24.42 18.68 -3.64
C LYS C 167 25.60 17.76 -3.33
N VAL C 168 25.32 16.52 -2.94
CA VAL C 168 26.37 15.60 -2.50
C VAL C 168 27.28 15.20 -3.66
N VAL C 169 26.70 14.94 -4.83
CA VAL C 169 27.48 14.39 -5.95
C VAL C 169 28.41 15.43 -6.58
N GLU C 170 28.14 16.72 -6.35
CA GLU C 170 28.92 17.80 -6.92
C GLU C 170 30.41 17.63 -6.69
N GLY C 171 31.16 17.56 -7.79
CA GLY C 171 32.60 17.47 -7.71
C GLY C 171 33.15 16.12 -7.27
N LEU C 172 32.31 15.11 -7.06
CA LEU C 172 32.84 13.83 -6.63
C LEU C 172 33.44 13.06 -7.80
N SER C 173 34.40 12.20 -7.48
CA SER C 173 34.93 11.21 -8.39
C SER C 173 34.82 9.84 -7.76
N CYS C 174 34.81 8.79 -8.60
CA CYS C 174 34.66 7.42 -8.14
C CYS C 174 35.81 6.57 -8.66
N HIS C 175 36.06 5.47 -7.94
CA HIS C 175 37.00 4.43 -8.34
C HIS C 175 36.24 3.42 -9.18
N TYR C 176 36.83 3.02 -10.31
CA TYR C 176 36.24 2.02 -11.20
C TYR C 176 37.23 0.88 -11.32
N ASP C 177 36.74 -0.35 -11.15
CA ASP C 177 37.59 -1.49 -10.82
C ASP C 177 36.98 -2.76 -11.39
N ILE C 178 37.51 -3.23 -12.54
CA ILE C 178 36.92 -4.41 -13.19
C ILE C 178 37.11 -5.66 -12.33
N MET C 179 38.24 -5.76 -11.63
CA MET C 179 38.48 -6.96 -10.82
C MET C 179 37.53 -7.02 -9.64
N ALA C 180 37.19 -5.86 -9.06
CA ALA C 180 36.20 -5.85 -7.99
C ALA C 180 34.83 -6.27 -8.50
N SER C 181 34.43 -5.80 -9.69
CA SER C 181 33.10 -6.17 -10.18
C SER C 181 33.04 -7.64 -10.59
N ARG C 182 34.13 -8.19 -11.14
CA ARG C 182 34.15 -9.62 -11.41
C ARG C 182 34.04 -10.43 -10.13
N ALA C 183 34.79 -10.05 -9.09
CA ALA C 183 34.71 -10.78 -7.83
C ALA C 183 33.32 -10.73 -7.21
N ALA C 184 32.64 -9.57 -7.34
CA ALA C 184 31.29 -9.47 -6.82
C ALA C 184 30.35 -10.43 -7.53
N ALA C 185 30.66 -10.81 -8.77
CA ALA C 185 29.92 -11.83 -9.51
C ALA C 185 30.44 -13.25 -9.26
N GLY C 186 31.47 -13.41 -8.43
CA GLY C 186 32.00 -14.73 -8.11
C GLY C 186 33.19 -15.19 -8.93
N PHE C 187 33.83 -14.30 -9.66
CA PHE C 187 35.00 -14.63 -10.48
C PHE C 187 36.22 -13.98 -9.84
N TYR C 188 37.17 -14.81 -9.41
CA TYR C 188 38.32 -14.32 -8.67
C TYR C 188 39.65 -14.63 -9.33
N ASP C 189 39.65 -15.29 -10.48
CA ASP C 189 40.89 -15.73 -11.11
C ASP C 189 41.30 -14.69 -12.16
N ALA C 190 42.48 -14.12 -11.96
CA ALA C 190 43.07 -13.22 -12.96
C ALA C 190 44.58 -13.21 -12.73
N SER C 191 45.32 -13.28 -13.83
CA SER C 191 46.79 -13.19 -13.76
C SER C 191 47.21 -11.82 -13.26
N ASP C 192 48.40 -11.78 -12.63
CA ASP C 192 48.95 -10.50 -12.22
C ASP C 192 49.13 -9.56 -13.41
N GLU C 193 49.34 -10.10 -14.61
CA GLU C 193 49.46 -9.26 -15.80
C GLU C 193 48.13 -8.58 -16.11
N GLU C 194 47.03 -9.33 -16.06
CA GLU C 194 45.73 -8.72 -16.31
C GLU C 194 45.37 -7.72 -15.21
N ARG C 195 45.69 -8.05 -13.95
CA ARG C 195 45.39 -7.13 -12.86
C ARG C 195 46.14 -5.81 -13.01
N LYS C 196 47.39 -5.86 -13.47
CA LYS C 196 48.13 -4.63 -13.70
C LYS C 196 47.61 -3.89 -14.92
N ALA C 197 47.36 -4.62 -16.02
CA ALA C 197 46.88 -3.99 -17.25
C ALA C 197 45.52 -3.33 -17.06
N LEU C 198 44.68 -3.86 -16.18
CA LEU C 198 43.34 -3.36 -15.94
C LEU C 198 43.22 -2.78 -14.53
N ALA C 199 44.27 -2.11 -14.07
CA ALA C 199 44.27 -1.52 -12.75
C ALA C 199 43.13 -0.51 -12.61
N PRO C 200 42.59 -0.35 -11.40
CA PRO C 200 41.48 0.58 -11.20
C PRO C 200 41.87 1.99 -11.63
N CYS C 201 40.86 2.75 -12.07
CA CYS C 201 41.03 4.11 -12.52
C CYS C 201 39.98 4.98 -11.83
N ILE C 202 39.98 6.27 -12.17
CA ILE C 202 39.11 7.24 -11.52
C ILE C 202 38.41 8.04 -12.60
N HIS C 203 37.10 8.27 -12.41
CA HIS C 203 36.32 9.14 -13.29
C HIS C 203 35.44 10.05 -12.43
N GLU C 204 35.11 11.23 -12.97
CA GLU C 204 34.18 12.11 -12.29
C GLU C 204 32.78 11.52 -12.29
N LEU C 205 32.05 11.73 -11.20
CA LEU C 205 30.74 11.15 -11.04
C LEU C 205 29.67 11.89 -11.84
N VAL C 206 29.77 13.21 -11.97
CA VAL C 206 28.80 13.98 -12.71
C VAL C 206 29.41 14.29 -14.08
N ARG C 207 28.85 13.72 -15.14
CA ARG C 207 29.32 13.96 -16.49
C ARG C 207 28.51 15.06 -17.15
N THR C 208 29.12 15.70 -18.15
CA THR C 208 28.44 16.66 -19.02
C THR C 208 28.58 16.16 -20.45
N HIS C 209 27.45 15.90 -21.11
CA HIS C 209 27.53 15.27 -22.44
C HIS C 209 28.05 16.28 -23.45
N PRO C 210 29.00 15.90 -24.30
CA PRO C 210 29.60 16.88 -25.23
C PRO C 210 28.68 17.29 -26.37
N ILE C 211 27.66 16.50 -26.69
CA ILE C 211 26.72 16.87 -27.75
C ILE C 211 25.53 17.64 -27.19
N SER C 212 24.90 17.09 -26.15
CA SER C 212 23.64 17.63 -25.65
C SER C 212 23.82 18.60 -24.50
N GLY C 213 25.00 18.65 -23.90
CA GLY C 213 25.18 19.44 -22.69
C GLY C 213 24.50 18.86 -21.47
N ARG C 214 23.84 17.72 -21.59
CA ARG C 214 23.13 17.14 -20.45
C ARG C 214 24.09 16.64 -19.39
N LYS C 215 23.77 16.92 -18.13
CA LYS C 215 24.48 16.32 -17.01
C LYS C 215 23.90 14.94 -16.69
N SER C 216 24.75 14.06 -16.18
CA SER C 216 24.34 12.69 -15.90
C SER C 216 25.26 12.09 -14.85
N LEU C 217 24.79 10.99 -14.24
CA LEU C 217 25.57 10.24 -13.26
C LEU C 217 26.38 9.13 -13.95
N TYR C 218 27.66 9.03 -13.62
CA TYR C 218 28.53 7.99 -14.18
C TYR C 218 28.45 6.74 -13.32
N LEU C 219 27.28 6.09 -13.38
CA LEU C 219 27.06 4.87 -12.62
C LEU C 219 27.50 3.64 -13.41
N SER C 220 27.92 2.62 -12.68
CA SER C 220 28.31 1.36 -13.27
C SER C 220 28.56 0.36 -12.15
N SER C 221 28.30 -0.91 -12.43
CA SER C 221 28.72 -1.96 -11.52
C SER C 221 30.22 -1.92 -11.27
N HIS C 222 30.98 -1.32 -12.21
CA HIS C 222 32.42 -1.19 -12.04
C HIS C 222 32.78 -0.16 -10.97
N ALA C 223 31.90 0.79 -10.66
CA ALA C 223 32.21 1.80 -9.66
C ALA C 223 32.08 1.20 -8.27
N THR C 224 33.13 1.36 -7.45
CA THR C 224 33.17 0.75 -6.12
C THR C 224 32.91 1.74 -4.99
N HIS C 225 33.59 2.88 -4.98
CA HIS C 225 33.43 3.84 -3.90
C HIS C 225 33.91 5.21 -4.39
N VAL C 226 33.88 6.19 -3.48
CA VAL C 226 34.08 7.59 -3.80
C VAL C 226 35.51 7.97 -3.41
N VAL C 227 36.20 8.67 -4.32
CA VAL C 227 37.56 9.12 -4.03
C VAL C 227 37.54 10.11 -2.87
N GLY C 228 38.46 9.93 -1.93
CA GLY C 228 38.60 10.84 -0.81
C GLY C 228 37.58 10.65 0.30
N TRP C 229 36.69 9.66 0.19
CA TRP C 229 35.74 9.31 1.24
C TRP C 229 36.12 7.98 1.87
N PRO C 230 35.75 7.76 3.12
CA PRO C 230 35.84 6.40 3.67
C PRO C 230 35.02 5.47 2.79
N GLU C 231 35.52 4.25 2.61
CA GLU C 231 34.85 3.34 1.69
C GLU C 231 33.38 3.08 2.02
N PRO C 232 32.98 2.85 3.28
CA PRO C 232 31.56 2.54 3.52
C PRO C 232 30.62 3.64 3.09
N GLU C 233 30.93 4.89 3.42
CA GLU C 233 30.10 6.01 3.00
C GLU C 233 30.07 6.13 1.48
N GLY C 234 31.19 5.83 0.83
CA GLY C 234 31.20 5.85 -0.63
C GLY C 234 30.35 4.74 -1.23
N ARG C 235 30.47 3.52 -0.69
CA ARG C 235 29.65 2.41 -1.18
C ARG C 235 28.17 2.68 -0.95
N ASP C 236 27.81 3.29 0.19
CA ASP C 236 26.39 3.51 0.45
C ASP C 236 25.81 4.57 -0.50
N LEU C 237 26.58 5.60 -0.83
CA LEU C 237 26.09 6.59 -1.79
C LEU C 237 25.86 5.96 -3.15
N LEU C 238 26.83 5.15 -3.62
CA LEU C 238 26.66 4.50 -4.91
C LEU C 238 25.49 3.53 -4.89
N ARG C 239 25.24 2.87 -3.76
CA ARG C 239 24.07 2.02 -3.62
C ARG C 239 22.79 2.83 -3.77
N GLU C 240 22.69 3.95 -3.08
CA GLU C 240 21.48 4.78 -3.12
C GLU C 240 21.24 5.34 -4.52
N LEU C 241 22.31 5.83 -5.19
CA LEU C 241 22.19 6.39 -6.53
C LEU C 241 21.80 5.34 -7.55
N THR C 242 22.39 4.14 -7.46
CA THR C 242 22.13 3.08 -8.42
C THR C 242 20.68 2.59 -8.32
N GLU C 243 20.17 2.44 -7.10
CA GLU C 243 18.77 2.08 -6.93
C GLU C 243 17.86 3.16 -7.48
N PHE C 244 18.16 4.43 -7.19
CA PHE C 244 17.34 5.53 -7.68
C PHE C 244 17.37 5.62 -9.20
N ALA C 245 18.56 5.50 -9.80
CA ALA C 245 18.72 5.73 -11.23
C ALA C 245 18.23 4.57 -12.09
N THR C 246 18.00 3.39 -11.53
CA THR C 246 17.50 2.25 -12.31
C THR C 246 16.04 1.91 -12.00
N GLN C 247 15.31 2.80 -11.32
CA GLN C 247 13.89 2.58 -11.13
C GLN C 247 13.17 2.62 -12.47
N PRO C 248 12.00 1.98 -12.58
CA PRO C 248 11.38 1.81 -13.91
C PRO C 248 11.18 3.09 -14.72
N GLN C 249 10.93 4.24 -14.08
CA GLN C 249 10.67 5.43 -14.89
C GLN C 249 11.87 5.88 -15.71
N PHE C 250 13.07 5.38 -15.39
CA PHE C 250 14.29 5.75 -16.10
C PHE C 250 14.76 4.68 -17.08
N VAL C 251 13.96 3.63 -17.30
CA VAL C 251 14.42 2.44 -18.02
C VAL C 251 13.61 2.27 -19.29
N TYR C 252 14.33 1.93 -20.37
CA TYR C 252 13.73 1.42 -21.60
C TYR C 252 14.22 -0.01 -21.78
N SER C 253 13.28 -0.94 -21.98
CA SER C 253 13.63 -2.34 -22.18
C SER C 253 13.41 -2.70 -23.65
N HIS C 254 14.49 -3.03 -24.36
CA HIS C 254 14.38 -3.28 -25.79
C HIS C 254 13.95 -4.71 -26.07
N GLU C 255 12.76 -4.89 -26.66
CA GLU C 255 12.34 -6.20 -27.14
C GLU C 255 12.96 -6.43 -28.50
N TRP C 256 13.89 -7.38 -28.58
CA TRP C 256 14.68 -7.57 -29.79
C TRP C 256 13.88 -8.14 -30.94
N SER C 257 14.24 -7.69 -32.14
CA SER C 257 13.85 -8.29 -33.40
C SER C 257 15.11 -8.74 -34.14
N VAL C 258 14.97 -9.72 -35.03
CA VAL C 258 16.13 -10.21 -35.78
C VAL C 258 16.73 -9.10 -36.65
N ARG C 259 18.06 -8.97 -36.57
CA ARG C 259 18.84 -7.98 -37.30
C ARG C 259 18.53 -6.55 -36.90
N ASP C 260 18.03 -6.35 -35.69
CA ASP C 260 18.10 -5.03 -35.07
C ASP C 260 19.57 -4.69 -34.84
N LEU C 261 19.98 -3.51 -35.29
CA LEU C 261 21.26 -2.94 -34.92
C LEU C 261 21.01 -1.87 -33.89
N VAL C 262 21.41 -2.12 -32.65
CA VAL C 262 21.19 -1.19 -31.56
C VAL C 262 22.50 -0.51 -31.23
N MET C 263 22.48 0.82 -31.28
CA MET C 263 23.64 1.66 -31.01
C MET C 263 23.29 2.49 -29.78
N TRP C 264 24.12 2.43 -28.73
CA TRP C 264 23.80 3.14 -27.50
C TRP C 264 25.01 3.93 -26.99
N ASP C 265 24.71 5.07 -26.36
CA ASP C 265 25.73 6.03 -25.92
C ASP C 265 26.06 5.72 -24.46
N ASN C 266 27.21 5.08 -24.23
CA ASN C 266 27.60 4.79 -22.85
C ASN C 266 27.83 6.05 -22.02
N ARG C 267 28.01 7.21 -22.65
CA ARG C 267 28.25 8.44 -21.89
C ARG C 267 27.01 8.94 -21.16
N ALA C 268 25.83 8.37 -21.43
CA ALA C 268 24.58 8.82 -20.83
C ALA C 268 23.77 7.71 -20.19
N LEU C 269 24.28 6.47 -20.17
CA LEU C 269 23.44 5.33 -19.82
C LEU C 269 24.20 4.31 -18.99
N MET C 270 23.40 3.44 -18.37
CA MET C 270 23.81 2.11 -17.99
C MET C 270 22.94 1.15 -18.78
N HIS C 271 23.41 -0.07 -18.93
CA HIS C 271 22.61 -1.07 -19.62
C HIS C 271 22.86 -2.42 -18.97
N ARG C 272 22.00 -3.38 -19.29
CA ARG C 272 22.18 -4.75 -18.81
C ARG C 272 21.39 -5.67 -19.72
N GLY C 273 21.84 -6.91 -19.78
CA GLY C 273 21.09 -7.95 -20.47
C GLY C 273 20.20 -8.71 -19.49
N ARG C 274 19.12 -9.24 -20.01
CA ARG C 274 18.24 -10.05 -19.20
C ARG C 274 18.39 -11.52 -19.59
N PRO C 275 18.30 -12.43 -18.63
CA PRO C 275 18.34 -13.86 -18.97
C PRO C 275 17.21 -14.21 -19.94
N HIS C 276 17.45 -15.19 -20.80
CA HIS C 276 16.40 -15.75 -21.64
C HIS C 276 16.03 -17.13 -21.11
N ILE C 277 14.79 -17.53 -21.39
CA ILE C 277 14.16 -18.69 -20.77
C ILE C 277 13.66 -19.64 -21.85
N PRO C 278 14.13 -20.90 -21.91
CA PRO C 278 15.19 -21.50 -21.09
C PRO C 278 16.57 -21.08 -21.55
N GLU C 279 17.56 -21.24 -20.68
CA GLU C 279 18.94 -20.85 -20.98
C GLU C 279 19.51 -21.61 -22.16
N THR C 280 18.96 -22.78 -22.49
CA THR C 280 19.46 -23.57 -23.62
C THR C 280 19.04 -23.03 -24.98
N ASP C 281 18.03 -22.15 -25.02
CA ASP C 281 17.68 -21.50 -26.28
C ASP C 281 18.85 -20.67 -26.78
N VAL C 282 18.96 -20.55 -28.11
CA VAL C 282 20.05 -19.82 -28.74
C VAL C 282 19.77 -18.33 -28.73
N ARG C 283 20.82 -17.54 -28.46
CA ARG C 283 20.78 -16.08 -28.53
C ARG C 283 22.11 -15.67 -29.13
N GLU C 284 22.10 -15.12 -30.34
CA GLU C 284 23.31 -14.76 -31.06
C GLU C 284 23.33 -13.26 -31.34
N MET C 285 24.35 -12.57 -30.83
CA MET C 285 24.54 -11.14 -30.98
C MET C 285 25.97 -10.86 -31.44
N HIS C 286 26.12 -9.95 -32.40
CA HIS C 286 27.42 -9.48 -32.87
C HIS C 286 27.66 -8.07 -32.35
N ARG C 287 28.87 -7.83 -31.85
CA ARG C 287 29.17 -6.65 -31.06
C ARG C 287 30.28 -5.83 -31.71
N ALA C 288 30.24 -4.52 -31.49
CA ALA C 288 31.33 -3.61 -31.81
C ALA C 288 31.30 -2.46 -30.80
N THR C 289 32.48 -1.90 -30.52
CA THR C 289 32.58 -0.85 -29.50
C THR C 289 33.56 0.23 -29.92
N THR C 290 33.17 1.49 -29.73
CA THR C 290 34.06 2.62 -29.96
C THR C 290 34.50 3.19 -28.62
N LEU C 291 35.66 3.84 -28.61
CA LEU C 291 36.23 4.43 -27.41
C LEU C 291 35.98 5.94 -27.42
N ASP C 292 35.84 6.51 -26.22
CA ASP C 292 35.50 7.92 -26.08
C ASP C 292 36.76 8.81 -26.09
N ASP C 293 37.48 8.76 -27.22
CA ASP C 293 38.69 9.55 -27.40
C ASP C 293 38.31 10.96 -27.84
N ARG C 294 38.41 11.93 -26.91
CA ARG C 294 38.00 13.30 -27.19
C ARG C 294 38.91 14.00 -28.20
N THR C 295 40.10 13.46 -28.48
CA THR C 295 40.96 14.05 -29.51
C THR C 295 40.73 13.45 -30.88
N TRP C 296 39.98 12.36 -30.98
CA TRP C 296 39.77 11.69 -32.26
C TRP C 296 38.84 12.49 -33.16
N THR C 297 39.14 12.49 -34.46
CA THR C 297 38.33 13.18 -35.45
C THR C 297 38.18 12.28 -36.68
N ARG C 298 37.03 12.37 -37.33
CA ARG C 298 36.79 11.63 -38.57
C ARG C 298 37.77 12.07 -39.65
N SER D 10 -11.97 -0.11 47.92
CA SER D 10 -12.22 0.73 46.76
C SER D 10 -12.66 -0.11 45.57
N LEU D 11 -13.16 0.57 44.55
CA LEU D 11 -13.65 -0.13 43.36
C LEU D 11 -12.50 -0.86 42.67
N ASN D 12 -12.74 -2.13 42.34
CA ASN D 12 -11.77 -3.00 41.67
C ASN D 12 -11.96 -2.88 40.16
N VAL D 13 -11.24 -1.95 39.54
CA VAL D 13 -11.39 -1.63 38.12
C VAL D 13 -10.27 -2.30 37.33
N GLU D 14 -10.61 -3.02 36.27
CA GLU D 14 -9.64 -3.68 35.40
C GLU D 14 -9.94 -3.26 33.96
N ALA D 15 -9.02 -2.50 33.36
CA ALA D 15 -9.25 -2.00 32.00
C ALA D 15 -9.39 -3.15 31.01
N ALA D 16 -10.40 -3.08 30.15
CA ALA D 16 -10.55 -3.96 29.00
C ALA D 16 -10.05 -3.32 27.71
N HIS D 17 -9.86 -2.01 27.73
CA HIS D 17 -9.38 -1.18 26.65
C HIS D 17 -8.72 -0.02 27.37
N PRO D 18 -7.65 0.55 26.82
CA PRO D 18 -6.94 1.59 27.57
C PRO D 18 -7.81 2.79 27.94
N PHE D 19 -8.83 3.12 27.15
CA PHE D 19 -9.62 4.30 27.49
C PHE D 19 -11.12 4.17 27.23
N ILE D 20 -11.59 3.08 26.62
CA ILE D 20 -13.03 2.96 26.34
C ILE D 20 -13.76 2.17 27.41
N ALA D 21 -13.19 1.05 27.86
CA ALA D 21 -13.97 0.08 28.63
C ALA D 21 -13.16 -0.53 29.78
N ALA D 22 -13.87 -0.83 30.86
CA ALA D 22 -13.24 -1.50 32.00
C ALA D 22 -14.24 -2.43 32.66
N ARG D 23 -13.72 -3.51 33.23
CA ARG D 23 -14.48 -4.40 34.09
C ARG D 23 -14.40 -3.91 35.53
N ILE D 24 -15.51 -4.08 36.26
CA ILE D 24 -15.59 -3.76 37.69
C ILE D 24 -15.96 -5.07 38.37
N HIS D 25 -15.03 -5.61 39.15
CA HIS D 25 -15.20 -6.92 39.78
C HIS D 25 -15.72 -6.80 41.22
N GLY D 26 -16.27 -7.90 41.71
CA GLY D 26 -16.54 -8.06 43.13
C GLY D 26 -17.76 -7.35 43.65
N LEU D 27 -18.65 -6.85 42.79
CA LEU D 27 -19.86 -6.19 43.24
C LEU D 27 -21.04 -7.14 43.12
N ASP D 28 -21.91 -7.14 44.12
CA ASP D 28 -23.12 -7.93 44.09
C ASP D 28 -24.29 -6.99 43.83
N LEU D 29 -24.71 -6.90 42.58
CA LEU D 29 -25.75 -5.97 42.18
C LEU D 29 -27.17 -6.49 42.45
N SER D 30 -27.31 -7.64 43.13
CA SER D 30 -28.63 -8.08 43.56
C SER D 30 -29.13 -7.29 44.77
N LYS D 31 -28.25 -6.57 45.44
CA LYS D 31 -28.60 -5.75 46.58
C LYS D 31 -28.34 -4.29 46.27
N PRO D 32 -29.09 -3.36 46.86
CA PRO D 32 -28.88 -1.94 46.57
C PRO D 32 -27.47 -1.48 46.96
N LEU D 33 -26.87 -0.66 46.10
CA LEU D 33 -25.55 -0.13 46.35
C LEU D 33 -25.62 1.15 47.19
N SER D 34 -24.57 1.39 47.97
CA SER D 34 -24.48 2.61 48.74
C SER D 34 -24.30 3.81 47.83
N ASP D 35 -24.62 4.99 48.36
CA ASP D 35 -24.42 6.22 47.58
C ASP D 35 -22.96 6.40 47.21
N GLU D 36 -22.04 6.12 48.14
CA GLU D 36 -20.63 6.24 47.83
C GLU D 36 -20.24 5.35 46.67
N ARG D 37 -20.80 4.14 46.62
CA ARG D 37 -20.50 3.21 45.54
C ARG D 37 -21.04 3.69 44.21
N ILE D 38 -22.25 4.26 44.21
CA ILE D 38 -22.79 4.79 42.97
C ILE D 38 -21.94 5.94 42.45
N VAL D 39 -21.50 6.83 43.35
CA VAL D 39 -20.60 7.90 42.94
C VAL D 39 -19.31 7.33 42.32
N GLU D 40 -18.76 6.29 42.95
CA GLU D 40 -17.54 5.67 42.43
CA GLU D 40 -17.54 5.67 42.43
C GLU D 40 -17.75 5.19 40.99
N ILE D 41 -18.90 4.55 40.71
CA ILE D 41 -19.18 4.05 39.38
C ILE D 41 -19.37 5.19 38.38
N GLU D 42 -20.13 6.21 38.78
CA GLU D 42 -20.30 7.39 37.93
C GLU D 42 -18.96 8.02 37.59
N GLN D 43 -18.11 8.24 38.59
CA GLN D 43 -16.80 8.82 38.31
C GLN D 43 -15.96 7.91 37.41
N ALA D 44 -15.99 6.60 37.66
CA ALA D 44 -15.23 5.69 36.79
C ALA D 44 -15.75 5.75 35.35
N SER D 45 -17.06 5.91 35.17
CA SER D 45 -17.60 6.02 33.82
C SER D 45 -17.09 7.27 33.13
N GLY D 46 -16.73 8.32 33.89
CA GLY D 46 -16.08 9.48 33.31
C GLY D 46 -14.75 9.14 32.62
N GLN D 47 -14.02 8.17 33.16
CA GLN D 47 -12.85 7.65 32.47
C GLN D 47 -13.22 6.60 31.40
N TYR D 48 -13.92 5.54 31.81
CA TYR D 48 -14.32 4.46 30.91
C TYR D 48 -15.81 4.50 30.65
N PRO D 49 -16.27 5.01 29.50
CA PRO D 49 -17.72 5.11 29.26
C PRO D 49 -18.42 3.76 29.10
N VAL D 50 -17.68 2.65 28.97
CA VAL D 50 -18.23 1.31 28.94
C VAL D 50 -17.75 0.60 30.20
N LEU D 51 -18.68 0.19 31.06
CA LEU D 51 -18.36 -0.54 32.28
C LEU D 51 -18.99 -1.92 32.21
N ILE D 52 -18.21 -2.94 32.54
CA ILE D 52 -18.61 -4.34 32.41
C ILE D 52 -18.61 -4.95 33.80
N PHE D 53 -19.76 -5.45 34.24
CA PHE D 53 -19.87 -6.15 35.51
C PHE D 53 -20.04 -7.63 35.25
N PRO D 54 -19.00 -8.44 35.42
CA PRO D 54 -19.09 -9.86 35.09
C PRO D 54 -19.99 -10.62 36.05
N ARG D 55 -20.58 -11.70 35.51
CA ARG D 55 -21.25 -12.73 36.32
C ARG D 55 -22.31 -12.14 37.25
N GLN D 56 -23.21 -11.37 36.67
CA GLN D 56 -24.31 -10.78 37.44
C GLN D 56 -25.55 -11.65 37.24
N TYR D 57 -25.77 -12.56 38.18
CA TYR D 57 -26.96 -13.43 38.15
C TYR D 57 -28.08 -12.75 38.91
N ILE D 58 -28.62 -11.69 38.31
CA ILE D 58 -29.67 -10.87 38.90
C ILE D 58 -30.91 -10.97 38.04
N ASP D 59 -32.08 -10.83 38.67
CA ASP D 59 -33.33 -10.84 37.91
C ASP D 59 -33.63 -9.45 37.36
N ASP D 60 -34.77 -9.32 36.67
CA ASP D 60 -35.09 -8.07 36.00
C ASP D 60 -35.35 -6.95 37.00
N ASP D 61 -35.99 -7.27 38.13
CA ASP D 61 -36.22 -6.26 39.16
C ASP D 61 -34.90 -5.68 39.67
N GLN D 62 -33.91 -6.54 39.91
CA GLN D 62 -32.62 -6.07 40.42
C GLN D 62 -31.85 -5.30 39.36
N LEU D 63 -31.96 -5.70 38.10
CA LEU D 63 -31.35 -4.94 37.02
C LEU D 63 -31.94 -3.53 36.94
N LEU D 64 -33.27 -3.42 37.00
CA LEU D 64 -33.91 -2.11 36.95
C LEU D 64 -33.52 -1.25 38.15
N ALA D 65 -33.46 -1.85 39.34
CA ALA D 65 -33.09 -1.08 40.53
C ALA D 65 -31.65 -0.58 40.41
N PHE D 66 -30.75 -1.43 39.88
CA PHE D 66 -29.38 -0.98 39.67
C PHE D 66 -29.33 0.19 38.71
N ALA D 67 -30.01 0.06 37.55
CA ALA D 67 -30.02 1.15 36.56
C ALA D 67 -30.58 2.44 37.16
N ALA D 68 -31.64 2.33 37.97
CA ALA D 68 -32.31 3.48 38.54
C ALA D 68 -31.43 4.27 39.49
N GLY D 69 -30.29 3.72 39.89
CA GLY D 69 -29.38 4.52 40.69
C GLY D 69 -28.66 5.60 39.92
N PHE D 70 -28.72 5.55 38.58
CA PHE D 70 -27.96 6.48 37.76
C PHE D 70 -28.81 7.46 36.96
N GLY D 71 -30.12 7.29 36.96
CA GLY D 71 -31.00 8.22 36.29
C GLY D 71 -32.39 7.63 36.23
N PRO D 72 -33.37 8.41 35.78
CA PRO D 72 -34.73 7.87 35.66
C PRO D 72 -34.84 6.90 34.49
N LEU D 73 -35.60 5.83 34.71
CA LEU D 73 -35.76 4.80 33.69
C LEU D 73 -36.64 5.27 32.54
N GLN D 74 -36.29 4.86 31.33
CA GLN D 74 -37.11 5.14 30.16
C GLN D 74 -38.30 4.16 30.10
N VAL D 75 -39.51 4.70 29.96
CA VAL D 75 -40.71 3.89 29.78
C VAL D 75 -41.01 3.80 28.28
N ALA D 76 -41.45 2.61 27.85
CA ALA D 76 -41.67 2.37 26.43
C ALA D 76 -43.00 2.99 25.98
N VAL D 77 -43.38 2.73 24.72
CA VAL D 77 -44.66 3.20 24.19
C VAL D 77 -45.08 2.30 23.02
N ARG D 110 -41.95 -5.36 15.13
CA ARG D 110 -40.84 -4.43 15.31
C ARG D 110 -39.51 -5.12 15.66
N ARG D 111 -39.54 -6.43 15.89
CA ARG D 111 -38.28 -7.13 16.17
C ARG D 111 -37.38 -7.11 14.95
N ARG D 112 -37.97 -7.35 13.77
CA ARG D 112 -37.21 -7.28 12.53
C ARG D 112 -36.58 -5.91 12.34
N MET D 113 -37.35 -4.84 12.57
CA MET D 113 -36.82 -3.49 12.37
C MET D 113 -35.74 -3.15 13.39
N ASN D 114 -35.99 -3.45 14.67
CA ASN D 114 -34.98 -3.15 15.68
C ASN D 114 -33.71 -3.95 15.44
N ASN D 115 -33.85 -5.20 14.99
CA ASN D 115 -32.69 -6.03 14.75
C ASN D 115 -31.78 -5.44 13.69
N LEU D 116 -32.36 -4.96 12.57
CA LEU D 116 -31.56 -4.40 11.49
C LEU D 116 -31.06 -3.00 11.79
N THR D 117 -31.88 -2.14 12.40
CA THR D 117 -31.40 -0.79 12.70
C THR D 117 -30.32 -0.79 13.78
N SER D 118 -30.32 -1.78 14.68
CA SER D 118 -29.28 -1.85 15.71
C SER D 118 -27.91 -2.16 15.14
N ARG D 119 -27.80 -2.59 13.87
CA ARG D 119 -26.51 -2.86 13.28
C ARG D 119 -25.83 -1.58 12.80
N ARG D 120 -26.54 -0.46 12.82
CA ARG D 120 -26.00 0.84 12.42
C ARG D 120 -25.53 1.60 13.65
N TRP D 121 -24.40 2.29 13.51
CA TRP D 121 -23.86 3.06 14.63
C TRP D 121 -24.87 4.11 15.11
N HIS D 122 -25.18 4.10 16.41
CA HIS D 122 -26.11 5.09 16.95
C HIS D 122 -25.83 5.36 18.42
N SER D 123 -26.48 6.42 18.92
CA SER D 123 -26.51 6.76 20.34
C SER D 123 -27.97 6.70 20.81
N ASP D 124 -28.22 5.95 21.88
CA ASP D 124 -29.58 5.60 22.26
C ASP D 124 -30.43 6.84 22.47
N ALA D 125 -31.63 6.81 21.85
CA ALA D 125 -32.65 7.84 21.98
C ALA D 125 -32.15 9.23 21.62
N SER D 126 -31.11 9.33 20.76
CA SER D 126 -30.69 10.65 20.30
C SER D 126 -31.77 11.34 19.47
N TYR D 127 -32.74 10.59 18.97
CA TYR D 127 -33.85 11.16 18.22
C TYR D 127 -34.91 11.80 19.12
N LEU D 128 -34.75 11.74 20.47
CA LEU D 128 -35.68 12.36 21.42
C LEU D 128 -35.09 13.67 21.95
N PRO D 129 -35.94 14.64 22.27
CA PRO D 129 -35.42 15.88 22.90
C PRO D 129 -34.68 15.61 24.20
N LEU D 130 -35.06 14.54 24.90
CA LEU D 130 -34.43 14.09 26.13
C LEU D 130 -33.87 12.69 25.88
N PRO D 131 -32.61 12.59 25.48
CA PRO D 131 -32.03 11.30 25.08
C PRO D 131 -31.60 10.47 26.29
N ALA D 132 -30.98 9.32 25.97
CA ALA D 132 -30.55 8.36 26.98
C ALA D 132 -29.29 8.82 27.72
N ARG D 133 -29.18 8.39 28.98
CA ARG D 133 -27.93 8.54 29.70
C ARG D 133 -27.15 7.23 29.59
N TYR D 134 -27.28 6.35 30.57
CA TYR D 134 -26.69 5.03 30.51
C TYR D 134 -27.69 4.03 29.97
N SER D 135 -27.20 3.11 29.14
CA SER D 135 -27.93 1.92 28.75
C SER D 135 -27.28 0.72 29.44
N PHE D 136 -28.08 -0.31 29.71
CA PHE D 136 -27.64 -1.51 30.39
C PHE D 136 -28.11 -2.73 29.61
N LEU D 137 -27.21 -3.70 29.43
CA LEU D 137 -27.49 -4.93 28.72
C LEU D 137 -26.96 -6.10 29.54
N LEU D 138 -27.83 -7.04 29.88
CA LEU D 138 -27.44 -8.20 30.65
C LEU D 138 -27.62 -9.44 29.78
N SER D 139 -26.53 -10.16 29.54
CA SER D 139 -26.57 -11.29 28.63
C SER D 139 -27.05 -12.53 29.36
N TYR D 140 -27.99 -13.25 28.74
CA TYR D 140 -28.44 -14.54 29.25
C TYR D 140 -27.92 -15.68 28.39
N ILE D 141 -27.98 -15.54 27.07
CA ILE D 141 -27.53 -16.58 26.13
C ILE D 141 -26.67 -15.91 25.07
N VAL D 142 -25.45 -16.38 24.91
CA VAL D 142 -24.46 -15.75 24.03
C VAL D 142 -24.21 -16.69 22.85
N PRO D 143 -24.39 -16.23 21.62
CA PRO D 143 -24.08 -17.07 20.46
C PRO D 143 -22.58 -17.30 20.31
N ALA D 144 -22.24 -18.42 19.69
CA ALA D 144 -20.84 -18.83 19.63
C ALA D 144 -20.03 -17.93 18.70
N VAL D 145 -20.62 -17.47 17.59
CA VAL D 145 -19.91 -16.74 16.56
C VAL D 145 -20.61 -15.41 16.30
N GLY D 146 -19.85 -14.30 16.42
CA GLY D 146 -20.41 -12.99 16.16
C GLY D 146 -21.20 -12.48 17.36
N GLY D 147 -22.08 -11.53 17.08
CA GLY D 147 -22.91 -10.95 18.13
C GLY D 147 -22.21 -9.99 19.06
N GLN D 148 -21.02 -9.50 18.69
CA GLN D 148 -20.36 -8.53 19.55
C GLN D 148 -21.16 -7.23 19.60
N THR D 149 -20.99 -6.48 20.68
CA THR D 149 -21.45 -5.10 20.75
C THR D 149 -20.21 -4.23 20.64
N GLN D 150 -20.25 -3.28 19.72
CA GLN D 150 -19.11 -2.42 19.44
C GLN D 150 -19.42 -1.01 19.91
N PHE D 151 -18.39 -0.31 20.39
CA PHE D 151 -18.54 1.01 20.99
C PHE D 151 -17.48 1.92 20.40
N ALA D 152 -17.89 3.09 19.93
CA ALA D 152 -16.96 4.04 19.33
C ALA D 152 -16.87 5.28 20.22
N ASP D 153 -15.64 5.64 20.62
CA ASP D 153 -15.40 6.73 21.57
C ASP D 153 -15.49 8.05 20.84
N MET D 154 -16.60 8.77 21.06
CA MET D 154 -16.79 10.07 20.44
C MET D 154 -15.91 11.16 21.07
N ARG D 155 -15.39 10.94 22.28
CA ARG D 155 -14.44 11.89 22.85
C ARG D 155 -13.10 11.80 22.13
N ALA D 156 -12.58 10.57 21.97
CA ALA D 156 -11.33 10.37 21.24
C ALA D 156 -11.46 10.88 19.82
N ALA D 157 -12.61 10.67 19.18
CA ALA D 157 -12.79 11.15 17.81
C ALA D 157 -12.72 12.67 17.74
N TYR D 158 -13.39 13.35 18.66
CA TYR D 158 -13.28 14.81 18.73
C TYR D 158 -11.83 15.23 18.95
N ASP D 159 -11.15 14.57 19.89
CA ASP D 159 -9.78 14.94 20.24
C ASP D 159 -8.84 14.86 19.03
N LYS D 160 -9.05 13.90 18.14
CA LYS D 160 -8.13 13.63 17.05
C LYS D 160 -8.53 14.29 15.74
N LEU D 161 -9.61 15.09 15.72
CA LEU D 161 -10.08 15.68 14.47
C LEU D 161 -9.00 16.55 13.82
N PRO D 162 -8.86 16.48 12.50
CA PRO D 162 -8.03 17.45 11.79
C PRO D 162 -8.47 18.86 12.14
N ASP D 163 -7.49 19.78 12.17
CA ASP D 163 -7.76 21.14 12.62
CA ASP D 163 -7.76 21.14 12.63
C ASP D 163 -8.93 21.77 11.86
N HIS D 164 -8.99 21.57 10.55
CA HIS D 164 -10.06 22.22 9.79
C HIS D 164 -11.43 21.68 10.19
N LEU D 165 -11.55 20.38 10.47
CA LEU D 165 -12.83 19.85 10.96
C LEU D 165 -13.12 20.31 12.38
N ARG D 166 -12.08 20.43 13.21
CA ARG D 166 -12.25 20.91 14.57
CA ARG D 166 -12.25 20.92 14.57
C ARG D 166 -12.89 22.30 14.58
N LYS D 167 -12.42 23.20 13.71
CA LYS D 167 -12.97 24.55 13.68
C LYS D 167 -14.42 24.54 13.20
N VAL D 168 -14.73 23.67 12.23
CA VAL D 168 -16.06 23.70 11.60
C VAL D 168 -17.15 23.24 12.58
N VAL D 169 -16.89 22.18 13.34
CA VAL D 169 -17.96 21.57 14.12
C VAL D 169 -18.36 22.36 15.37
N GLU D 170 -17.50 23.23 15.91
CA GLU D 170 -17.67 23.72 17.28
C GLU D 170 -19.06 24.28 17.60
N GLY D 171 -19.58 25.16 16.75
CA GLY D 171 -20.89 25.73 17.03
C GLY D 171 -22.08 25.06 16.36
N LEU D 172 -21.88 23.91 15.73
CA LEU D 172 -22.95 23.33 14.92
C LEU D 172 -24.01 22.59 15.75
N SER D 173 -25.20 22.49 15.16
CA SER D 173 -26.29 21.66 15.65
C SER D 173 -26.75 20.74 14.53
N CYS D 174 -27.37 19.62 14.91
CA CYS D 174 -27.87 18.67 13.94
C CYS D 174 -29.34 18.36 14.20
N HIS D 175 -30.03 17.94 13.13
CA HIS D 175 -31.39 17.42 13.20
C HIS D 175 -31.32 15.91 13.46
N TYR D 176 -32.13 15.44 14.39
CA TYR D 176 -32.23 14.02 14.74
C TYR D 176 -33.65 13.56 14.49
N ASP D 177 -33.80 12.47 13.74
CA ASP D 177 -35.07 12.18 13.07
C ASP D 177 -35.18 10.66 12.91
N ILE D 178 -35.94 10.02 13.82
CA ILE D 178 -36.02 8.56 13.81
C ILE D 178 -36.73 8.05 12.55
N MET D 179 -37.74 8.78 12.07
CA MET D 179 -38.45 8.34 10.89
C MET D 179 -37.56 8.43 9.65
N ALA D 180 -36.71 9.45 9.56
CA ALA D 180 -35.77 9.50 8.45
C ALA D 180 -34.75 8.37 8.54
N SER D 181 -34.23 8.08 9.73
CA SER D 181 -33.22 7.02 9.83
C SER D 181 -33.85 5.65 9.60
N ARG D 182 -35.09 5.44 10.04
CA ARG D 182 -35.78 4.21 9.70
C ARG D 182 -35.99 4.10 8.19
N ALA D 183 -36.38 5.21 7.54
CA ALA D 183 -36.56 5.18 6.09
C ALA D 183 -35.24 4.87 5.39
N ALA D 184 -34.13 5.40 5.92
CA ALA D 184 -32.83 5.12 5.33
C ALA D 184 -32.49 3.64 5.40
N ALA D 185 -33.01 2.92 6.40
CA ALA D 185 -32.88 1.48 6.53
C ALA D 185 -33.96 0.70 5.79
N GLY D 186 -34.88 1.39 5.11
CA GLY D 186 -35.91 0.71 4.34
C GLY D 186 -37.24 0.52 5.02
N PHE D 187 -37.48 1.17 6.16
CA PHE D 187 -38.72 1.05 6.91
C PHE D 187 -39.52 2.34 6.78
N TYR D 188 -40.73 2.22 6.22
CA TYR D 188 -41.57 3.36 5.90
C TYR D 188 -42.93 3.32 6.58
N ASP D 189 -43.22 2.30 7.37
CA ASP D 189 -44.53 2.16 7.96
C ASP D 189 -44.50 2.77 9.35
N ALA D 190 -45.29 3.83 9.55
CA ALA D 190 -45.43 4.38 10.89
C ALA D 190 -46.74 5.12 10.97
N SER D 191 -47.46 4.90 12.05
CA SER D 191 -48.72 5.60 12.27
C SER D 191 -48.46 7.09 12.40
N ASP D 192 -49.46 7.89 12.01
CA ASP D 192 -49.37 9.33 12.22
C ASP D 192 -49.19 9.66 13.70
N GLU D 193 -49.71 8.79 14.59
CA GLU D 193 -49.51 9.00 16.01
C GLU D 193 -48.05 8.85 16.40
N GLU D 194 -47.40 7.79 15.91
CA GLU D 194 -45.99 7.62 16.23
C GLU D 194 -45.14 8.72 15.61
N ARG D 195 -45.47 9.14 14.39
CA ARG D 195 -44.70 10.21 13.75
C ARG D 195 -44.76 11.48 14.57
N LYS D 196 -45.92 11.80 15.14
CA LYS D 196 -46.03 12.99 15.98
C LYS D 196 -45.31 12.80 17.30
N ALA D 197 -45.47 11.62 17.93
CA ALA D 197 -44.84 11.38 19.23
C ALA D 197 -43.32 11.44 19.13
N LEU D 198 -42.75 11.07 17.98
CA LEU D 198 -41.31 11.00 17.78
C LEU D 198 -40.84 12.05 16.77
N ALA D 199 -41.45 13.24 16.79
CA ALA D 199 -41.11 14.28 15.84
C ALA D 199 -39.63 14.65 15.93
N PRO D 200 -39.02 15.08 14.83
CA PRO D 200 -37.60 15.43 14.83
C PRO D 200 -37.26 16.48 15.87
N CYS D 201 -36.03 16.41 16.37
CA CYS D 201 -35.52 17.36 17.35
C CYS D 201 -34.12 17.82 16.94
N ILE D 202 -33.51 18.63 17.80
CA ILE D 202 -32.21 19.24 17.54
C ILE D 202 -31.30 19.00 18.74
N HIS D 203 -30.04 18.66 18.47
CA HIS D 203 -29.01 18.57 19.50
C HIS D 203 -27.73 19.22 18.96
N GLU D 204 -26.93 19.74 19.89
CA GLU D 204 -25.63 20.29 19.55
C GLU D 204 -24.69 19.20 19.05
N LEU D 205 -23.80 19.57 18.12
CA LEU D 205 -22.89 18.58 17.57
C LEU D 205 -21.72 18.31 18.52
N VAL D 206 -21.26 19.31 19.26
CA VAL D 206 -20.16 19.14 20.20
C VAL D 206 -20.73 19.14 21.61
N ARG D 207 -20.63 18.00 22.30
CA ARG D 207 -21.13 17.88 23.67
C ARG D 207 -20.01 18.11 24.66
N THR D 208 -20.36 18.57 25.87
CA THR D 208 -19.42 18.65 26.98
C THR D 208 -19.95 17.78 28.11
N HIS D 209 -19.18 16.76 28.49
CA HIS D 209 -19.69 15.76 29.41
C HIS D 209 -19.78 16.35 30.82
N PRO D 210 -20.89 16.17 31.52
CA PRO D 210 -21.06 16.79 32.86
C PRO D 210 -20.21 16.17 33.96
N ILE D 211 -19.73 14.95 33.80
CA ILE D 211 -18.89 14.32 34.82
C ILE D 211 -17.41 14.63 34.58
N SER D 212 -16.95 14.38 33.36
CA SER D 212 -15.54 14.47 33.03
C SER D 212 -15.15 15.78 32.40
N GLY D 213 -16.11 16.57 31.90
CA GLY D 213 -15.78 17.75 31.12
C GLY D 213 -15.30 17.46 29.71
N ARG D 214 -15.24 16.18 29.30
CA ARG D 214 -14.73 15.84 27.98
C ARG D 214 -15.67 16.34 26.89
N LYS D 215 -15.09 16.92 25.84
CA LYS D 215 -15.86 17.22 24.64
C LYS D 215 -15.98 15.98 23.75
N SER D 216 -17.10 15.88 23.03
CA SER D 216 -17.30 14.72 22.17
C SER D 216 -18.28 15.08 21.06
N LEU D 217 -18.24 14.30 19.98
CA LEU D 217 -19.12 14.50 18.85
C LEU D 217 -20.41 13.73 19.07
N TYR D 218 -21.55 14.40 18.87
CA TYR D 218 -22.86 13.77 19.03
C TYR D 218 -23.31 13.13 17.71
N LEU D 219 -22.61 12.08 17.33
CA LEU D 219 -22.94 11.35 16.12
C LEU D 219 -23.99 10.29 16.41
N SER D 220 -24.79 9.98 15.40
CA SER D 220 -25.80 8.94 15.49
C SER D 220 -26.38 8.73 14.10
N SER D 221 -26.78 7.47 13.83
CA SER D 221 -27.56 7.22 12.62
C SER D 221 -28.84 8.03 12.60
N HIS D 222 -29.32 8.47 13.77
CA HIS D 222 -30.51 9.29 13.83
C HIS D 222 -30.29 10.71 13.31
N ALA D 223 -29.04 11.19 13.29
CA ALA D 223 -28.74 12.54 12.83
C ALA D 223 -28.77 12.59 11.31
N THR D 224 -29.52 13.55 10.75
CA THR D 224 -29.67 13.62 9.31
C THR D 224 -28.79 14.70 8.68
N HIS D 225 -28.81 15.93 9.20
CA HIS D 225 -28.03 17.00 8.59
C HIS D 225 -27.86 18.12 9.62
N VAL D 226 -27.22 19.21 9.17
CA VAL D 226 -26.77 20.27 10.06
C VAL D 226 -27.78 21.41 10.00
N VAL D 227 -28.21 21.90 11.17
CA VAL D 227 -29.16 22.99 11.25
C VAL D 227 -28.58 24.24 10.62
N GLY D 228 -29.39 24.90 9.79
CA GLY D 228 -28.98 26.13 9.14
C GLY D 228 -28.05 25.95 7.96
N TRP D 229 -27.70 24.70 7.60
CA TRP D 229 -26.89 24.45 6.42
C TRP D 229 -27.76 23.84 5.34
N PRO D 230 -27.42 24.05 4.07
CA PRO D 230 -28.07 23.27 3.01
C PRO D 230 -27.86 21.79 3.29
N GLU D 231 -28.87 20.98 2.95
CA GLU D 231 -28.81 19.56 3.28
CA GLU D 231 -28.80 19.56 3.29
C GLU D 231 -27.56 18.86 2.74
N PRO D 232 -27.17 19.04 1.47
CA PRO D 232 -26.01 18.28 0.97
C PRO D 232 -24.72 18.54 1.74
N GLU D 233 -24.41 19.81 2.04
CA GLU D 233 -23.19 20.10 2.79
C GLU D 233 -23.27 19.53 4.20
N GLY D 234 -24.46 19.57 4.81
CA GLY D 234 -24.61 18.97 6.14
C GLY D 234 -24.48 17.47 6.12
N ARG D 235 -25.12 16.82 5.14
CA ARG D 235 -24.99 15.37 5.04
C ARG D 235 -23.55 14.97 4.82
N ASP D 236 -22.82 15.74 4.01
CA ASP D 236 -21.44 15.37 3.71
C ASP D 236 -20.54 15.51 4.92
N LEU D 237 -20.75 16.54 5.74
CA LEU D 237 -19.97 16.68 6.96
C LEU D 237 -20.22 15.51 7.91
N LEU D 238 -21.48 15.14 8.09
CA LEU D 238 -21.78 14.04 9.00
C LEU D 238 -21.21 12.73 8.48
N ARG D 239 -21.20 12.55 7.15
CA ARG D 239 -20.58 11.37 6.54
C ARG D 239 -19.08 11.31 6.85
N GLU D 240 -18.38 12.43 6.66
CA GLU D 240 -16.95 12.49 6.93
C GLU D 240 -16.66 12.25 8.41
N LEU D 241 -17.43 12.91 9.29
CA LEU D 241 -17.21 12.73 10.73
C LEU D 241 -17.49 11.28 11.16
N THR D 242 -18.56 10.68 10.64
CA THR D 242 -18.92 9.32 11.05
C THR D 242 -17.87 8.32 10.59
N GLU D 243 -17.35 8.49 9.37
CA GLU D 243 -16.26 7.64 8.92
C GLU D 243 -15.04 7.82 9.81
N PHE D 244 -14.68 9.07 10.10
CA PHE D 244 -13.50 9.30 10.94
C PHE D 244 -13.70 8.73 12.35
N ALA D 245 -14.87 8.95 12.95
CA ALA D 245 -15.10 8.59 14.34
C ALA D 245 -15.30 7.10 14.57
N THR D 246 -15.56 6.31 13.53
CA THR D 246 -15.73 4.88 13.71
C THR D 246 -14.56 4.07 13.15
N GLN D 247 -13.43 4.71 12.84
CA GLN D 247 -12.26 3.95 12.43
C GLN D 247 -11.78 3.06 13.58
N PRO D 248 -11.07 1.97 13.30
CA PRO D 248 -10.77 0.99 14.35
C PRO D 248 -10.08 1.56 15.59
N GLN D 249 -9.23 2.60 15.47
CA GLN D 249 -8.54 3.06 16.67
C GLN D 249 -9.48 3.67 17.70
N PHE D 250 -10.72 3.96 17.35
CA PHE D 250 -11.67 4.52 18.31
C PHE D 250 -12.67 3.50 18.81
N VAL D 251 -12.50 2.23 18.46
CA VAL D 251 -13.55 1.24 18.68
C VAL D 251 -13.08 0.18 19.68
N TYR D 252 -13.96 -0.18 20.61
CA TYR D 252 -13.81 -1.37 21.44
C TYR D 252 -14.94 -2.33 21.08
N SER D 253 -14.58 -3.57 20.74
CA SER D 253 -15.55 -4.61 20.39
CA SER D 253 -15.55 -4.60 20.41
C SER D 253 -15.67 -5.54 21.60
N HIS D 254 -16.84 -5.56 22.23
CA HIS D 254 -17.02 -6.39 23.41
C HIS D 254 -17.41 -7.81 23.02
N GLU D 255 -16.53 -8.76 23.36
CA GLU D 255 -16.84 -10.18 23.24
C GLU D 255 -17.63 -10.59 24.48
N TRP D 256 -18.90 -10.95 24.28
CA TRP D 256 -19.80 -11.21 25.41
C TRP D 256 -19.45 -12.50 26.13
N SER D 257 -19.61 -12.46 27.45
CA SER D 257 -19.61 -13.63 28.30
C SER D 257 -20.96 -13.72 28.99
N VAL D 258 -21.37 -14.94 29.37
CA VAL D 258 -22.68 -15.14 29.97
C VAL D 258 -22.82 -14.33 31.26
N ARG D 259 -23.94 -13.60 31.36
CA ARG D 259 -24.26 -12.76 32.52
C ARG D 259 -23.28 -11.59 32.69
N ASP D 260 -22.66 -11.16 31.59
CA ASP D 260 -22.05 -9.84 31.56
C ASP D 260 -23.15 -8.80 31.69
N LEU D 261 -22.96 -7.83 32.57
CA LEU D 261 -23.82 -6.65 32.65
CA LEU D 261 -23.83 -6.66 32.63
C LEU D 261 -23.02 -5.49 32.08
N VAL D 262 -23.35 -5.05 30.88
CA VAL D 262 -22.61 -3.98 30.25
C VAL D 262 -23.39 -2.69 30.41
N MET D 263 -22.75 -1.68 31.01
CA MET D 263 -23.34 -0.37 31.19
C MET D 263 -22.52 0.63 30.38
N TRP D 264 -23.18 1.37 29.48
CA TRP D 264 -22.44 2.29 28.63
C TRP D 264 -23.09 3.66 28.62
N ASP D 265 -22.24 4.67 28.48
CA ASP D 265 -22.65 6.07 28.56
C ASP D 265 -22.90 6.60 27.15
N ASN D 266 -24.19 6.73 26.79
CA ASN D 266 -24.56 7.25 25.49
C ASN D 266 -24.10 8.69 25.27
N ARG D 267 -23.78 9.42 26.32
CA ARG D 267 -23.32 10.80 26.18
C ARG D 267 -21.92 10.90 25.60
N ALA D 268 -21.19 9.79 25.48
CA ALA D 268 -19.81 9.83 25.01
C ALA D 268 -19.54 8.84 23.88
N LEU D 269 -20.56 8.12 23.38
CA LEU D 269 -20.35 6.98 22.51
C LEU D 269 -21.37 6.89 21.41
N MET D 270 -21.01 6.12 20.41
CA MET D 270 -21.96 5.42 19.56
C MET D 270 -21.70 3.93 19.78
N HIS D 271 -22.70 3.12 19.49
CA HIS D 271 -22.55 1.67 19.60
C HIS D 271 -23.37 1.02 18.49
N ARG D 272 -23.11 -0.26 18.26
CA ARG D 272 -23.87 -1.02 17.27
C ARG D 272 -23.72 -2.50 17.60
N GLY D 273 -24.71 -3.29 17.19
CA GLY D 273 -24.61 -4.71 17.30
C GLY D 273 -24.05 -5.32 16.03
N ARG D 274 -23.35 -6.46 16.17
CA ARG D 274 -22.86 -7.19 15.03
C ARG D 274 -23.68 -8.45 14.84
N PRO D 275 -23.99 -8.84 13.61
CA PRO D 275 -24.75 -10.07 13.40
C PRO D 275 -24.02 -11.25 14.03
N HIS D 276 -24.77 -12.25 14.47
CA HIS D 276 -24.17 -13.51 14.86
C HIS D 276 -24.52 -14.55 13.82
N ILE D 277 -23.64 -15.55 13.68
CA ILE D 277 -23.70 -16.50 12.58
C ILE D 277 -23.74 -17.91 13.16
N PRO D 278 -24.77 -18.71 12.86
CA PRO D 278 -25.91 -18.30 12.02
C PRO D 278 -26.91 -17.45 12.81
N GLU D 279 -27.72 -16.65 12.11
CA GLU D 279 -28.69 -15.81 12.80
C GLU D 279 -29.70 -16.64 13.59
N THR D 280 -29.83 -17.93 13.29
CA THR D 280 -30.79 -18.77 13.98
C THR D 280 -30.35 -19.14 15.39
N ASP D 281 -29.07 -18.98 15.72
CA ASP D 281 -28.62 -19.26 17.08
C ASP D 281 -29.34 -18.35 18.07
N VAL D 282 -29.53 -18.86 19.29
CA VAL D 282 -30.26 -18.13 20.30
C VAL D 282 -29.37 -17.04 20.88
N ARG D 283 -29.96 -15.87 21.08
CA ARG D 283 -29.28 -14.73 21.68
C ARG D 283 -30.29 -14.01 22.56
N GLU D 284 -30.08 -14.04 23.88
CA GLU D 284 -31.00 -13.45 24.83
C GLU D 284 -30.29 -12.37 25.63
N MET D 285 -30.79 -11.14 25.55
CA MET D 285 -30.25 -10.01 26.28
C MET D 285 -31.40 -9.26 26.95
N HIS D 286 -31.19 -8.87 28.22
CA HIS D 286 -32.17 -8.07 28.94
C HIS D 286 -31.64 -6.65 29.03
N ARG D 287 -32.49 -5.67 28.73
CA ARG D 287 -32.09 -4.30 28.52
C ARG D 287 -32.81 -3.36 29.48
N ALA D 288 -32.12 -2.29 29.87
CA ALA D 288 -32.72 -1.19 30.60
C ALA D 288 -32.04 0.10 30.18
N THR D 289 -32.79 1.19 30.20
CA THR D 289 -32.27 2.46 29.71
C THR D 289 -32.65 3.57 30.67
N THR D 290 -31.70 4.44 30.98
CA THR D 290 -31.96 5.63 31.77
C THR D 290 -31.93 6.84 30.85
N LEU D 291 -32.67 7.88 31.22
CA LEU D 291 -32.73 9.11 30.44
C LEU D 291 -31.78 10.13 31.06
N ASP D 292 -31.24 10.99 30.20
CA ASP D 292 -30.29 12.02 30.64
C ASP D 292 -31.06 13.25 31.13
N ASP D 293 -31.89 13.01 32.15
CA ASP D 293 -32.73 14.04 32.77
C ASP D 293 -31.89 14.77 33.81
N ARG D 294 -31.44 15.97 33.48
CA ARG D 294 -30.56 16.70 34.37
CA ARG D 294 -30.56 16.68 34.39
C ARG D 294 -31.32 17.48 35.45
N THR D 295 -32.65 17.32 35.52
CA THR D 295 -33.40 17.76 36.70
C THR D 295 -33.50 16.67 37.75
N TRP D 296 -33.14 15.44 37.39
CA TRP D 296 -33.23 14.30 38.27
C TRP D 296 -32.06 14.30 39.26
N THR D 297 -32.34 13.87 40.48
CA THR D 297 -31.33 13.73 41.53
C THR D 297 -31.58 12.41 42.24
N ARG D 298 -30.50 11.77 42.67
CA ARG D 298 -30.59 10.52 43.42
C ARG D 298 -31.29 10.74 44.76
FE FE2 E . -17.07 8.86 -10.59
FE FE2 F . 17.91 -5.38 11.15
FE FE2 G . 28.09 -4.30 -21.92
C ACT H . 23.36 -7.71 -23.73
O ACT H . 22.19 -7.39 -24.03
OXT ACT H . 23.92 -7.01 -22.83
CH3 ACT H . 24.08 -8.85 -24.40
FE FE2 I . -29.16 0.80 21.04
#